data_9DZR
#
_entry.id   9DZR
#
_cell.length_a   43.824
_cell.length_b   51.421
_cell.length_c   157.491
_cell.angle_alpha   90.00
_cell.angle_beta   93.93
_cell.angle_gamma   90.00
#
_symmetry.space_group_name_H-M   'P 1 21 1'
#
loop_
_entity.id
_entity.type
_entity.pdbx_description
1 polymer 'Cytochrome P450'
2 non-polymer '4-methylsulfanylbenzoic acid'
3 non-polymer 'PROTOPORPHYRIN IX CONTAINING FE'
4 water water
#
_entity_poly.entity_id   1
_entity_poly.type   'polypeptide(L)'
_entity_poly.pdbx_seq_one_letter_code
;MISNSSAESISAPPNDSTIPHLAIDPFSLDFFDDPYPDQQTLRDAGPVVYLDKWNVYGVARYAEVHAVLNDPTTFCSSRG
VGLSDFKKEKPWRPPSLILEADPPAHTRPRAVLSKVLSPATMKTIRDGFAAAADAKVDELLQRGCIDAIADLAEAYPLSV
FPDAMGLKQEGREHLLPYAGLVANAFGPPNELRQTAIERSAPHQAYVNEQCQRPNLAPGGFGACIHAFTDTGEITPDEAP
LLVRSLLSAGLQETVNGIGAAVYCLARFPGELQRLRSDPTLARNAFEEAVRFESPVQTFFRTTTREVELGGAVIGEGEKV
LMFLGSANRDPRRWSDPDLYDITRKTSGHVGFGSGVHMCVGQLVARLEGEVMLSALARKVAAIDIDGPVKRRFNNTLRGL
ESLPVKLTPA
;
_entity_poly.pdbx_strand_id   A,B
#
loop_
_chem_comp.id
_chem_comp.type
_chem_comp.name
_chem_comp.formula
4MI non-polymer '4-methylsulfanylbenzoic acid' 'C8 H8 O2 S'
HEM non-polymer 'PROTOPORPHYRIN IX CONTAINING FE' 'C34 H32 Fe N4 O4'
#
# COMPACT_ATOMS: atom_id res chain seq x y z
N THR A 18 -25.82 28.96 29.91
CA THR A 18 -26.00 27.74 29.14
C THR A 18 -24.67 27.03 28.90
N ILE A 19 -23.69 27.77 28.43
CA ILE A 19 -22.35 27.23 28.14
C ILE A 19 -21.54 27.22 29.43
N PRO A 20 -20.90 26.10 29.78
CA PRO A 20 -20.09 26.08 31.00
C PRO A 20 -18.84 26.93 30.86
N HIS A 21 -18.53 27.68 31.91
CA HIS A 21 -17.31 28.46 31.99
C HIS A 21 -16.29 27.72 32.84
N LEU A 22 -15.10 27.50 32.29
CA LEU A 22 -14.05 26.78 32.99
C LEU A 22 -12.82 27.67 33.13
N ALA A 23 -12.07 27.45 34.21
CA ALA A 23 -10.87 28.21 34.49
C ALA A 23 -9.60 27.49 34.09
N ILE A 24 -9.71 26.32 33.44
CA ILE A 24 -8.54 25.61 32.97
C ILE A 24 -7.77 26.48 31.99
N ASP A 25 -6.46 26.60 32.23
CA ASP A 25 -5.59 27.24 31.25
C ASP A 25 -4.91 26.15 30.43
N PRO A 26 -5.33 25.91 29.18
CA PRO A 26 -4.69 24.87 28.37
C PRO A 26 -3.30 25.25 27.87
N PHE A 27 -2.78 26.41 28.27
CA PHE A 27 -1.44 26.84 27.89
C PHE A 27 -0.53 27.02 29.10
N SER A 28 -0.92 26.45 30.24
CA SER A 28 -0.10 26.46 31.44
C SER A 28 0.85 25.28 31.45
N LEU A 29 1.99 25.45 32.12
CA LEU A 29 2.97 24.36 32.21
C LEU A 29 2.37 23.14 32.90
N ASP A 30 1.53 23.36 33.91
CA ASP A 30 0.86 22.25 34.59
C ASP A 30 -0.01 21.47 33.61
N PHE A 31 -0.72 22.17 32.72
CA PHE A 31 -1.52 21.50 31.71
C PHE A 31 -0.64 20.72 30.74
N PHE A 32 0.45 21.33 30.26
CA PHE A 32 1.35 20.62 29.36
C PHE A 32 1.94 19.38 30.02
N ASP A 33 2.18 19.43 31.32
CA ASP A 33 2.83 18.32 32.01
C ASP A 33 1.97 17.07 32.01
N ASP A 34 0.65 17.23 32.05
CA ASP A 34 -0.29 16.12 31.91
C ASP A 34 -1.65 16.64 31.48
N PRO A 35 -1.89 16.71 30.16
CA PRO A 35 -3.13 17.33 29.69
C PRO A 35 -4.36 16.44 29.76
N TYR A 36 -4.18 15.14 29.91
CA TYR A 36 -5.26 14.20 29.65
C TYR A 36 -6.42 14.28 30.65
N PRO A 37 -6.19 14.43 31.96
CA PRO A 37 -7.34 14.64 32.86
C PRO A 37 -8.11 15.90 32.53
N ASP A 38 -7.43 17.03 32.33
CA ASP A 38 -8.13 18.27 32.01
C ASP A 38 -8.83 18.17 30.66
N GLN A 39 -8.27 17.43 29.71
CA GLN A 39 -8.94 17.25 28.43
C GLN A 39 -10.27 16.51 28.59
N GLN A 40 -10.31 15.52 29.49
CA GLN A 40 -11.59 14.87 29.75
C GLN A 40 -12.60 15.84 30.36
N THR A 41 -12.14 16.67 31.30
CA THR A 41 -13.04 17.64 31.91
C THR A 41 -13.62 18.58 30.87
N LEU A 42 -12.80 19.01 29.90
CA LEU A 42 -13.28 19.89 28.85
C LEU A 42 -14.30 19.18 27.96
N ARG A 43 -14.08 17.90 27.69
CA ARG A 43 -15.01 17.14 26.86
C ARG A 43 -16.34 16.94 27.57
N ASP A 44 -16.28 16.52 28.84
CA ASP A 44 -17.49 16.15 29.57
C ASP A 44 -18.29 17.36 30.04
N ALA A 45 -17.68 18.55 30.08
CA ALA A 45 -18.41 19.74 30.51
C ALA A 45 -19.49 20.11 29.51
N GLY A 46 -19.30 19.80 28.23
CA GLY A 46 -20.27 20.11 27.21
C GLY A 46 -19.63 20.13 25.83
N PRO A 47 -20.44 20.10 24.78
CA PRO A 47 -19.88 20.13 23.43
C PRO A 47 -19.10 21.40 23.13
N VAL A 48 -19.48 22.51 23.76
CA VAL A 48 -18.78 23.78 23.64
C VAL A 48 -18.60 24.35 25.05
N VAL A 49 -17.38 24.80 25.36
CA VAL A 49 -17.07 25.42 26.63
C VAL A 49 -16.59 26.84 26.38
N TYR A 50 -16.55 27.63 27.45
CA TYR A 50 -15.97 28.97 27.42
C TYR A 50 -14.81 29.00 28.40
N LEU A 51 -13.63 29.36 27.90
CA LEU A 51 -12.42 29.41 28.73
C LEU A 51 -12.25 30.84 29.23
N ASP A 52 -12.57 31.07 30.51
CA ASP A 52 -12.50 32.39 31.10
C ASP A 52 -11.07 32.93 31.17
N LYS A 53 -10.07 32.05 31.17
CA LYS A 53 -8.68 32.49 31.26
C LYS A 53 -8.31 33.38 30.08
N TRP A 54 -8.80 33.05 28.89
CA TRP A 54 -8.39 33.72 27.67
C TRP A 54 -9.56 34.28 26.86
N ASN A 55 -10.79 34.15 27.35
CA ASN A 55 -11.98 34.67 26.66
C ASN A 55 -12.12 34.08 25.26
N VAL A 56 -12.06 32.75 25.19
CA VAL A 56 -12.23 32.03 23.93
C VAL A 56 -13.17 30.85 24.16
N TYR A 57 -13.90 30.49 23.12
CA TYR A 57 -14.67 29.26 23.15
C TYR A 57 -13.74 28.08 22.93
N GLY A 58 -14.17 26.91 23.42
CA GLY A 58 -13.39 25.72 23.26
C GLY A 58 -14.24 24.53 22.84
N VAL A 59 -13.70 23.70 21.96
CA VAL A 59 -14.33 22.44 21.59
C VAL A 59 -13.29 21.34 21.71
N ALA A 60 -13.59 20.33 22.54
CA ALA A 60 -12.64 19.27 22.84
C ALA A 60 -13.08 17.89 22.40
N ARG A 61 -14.34 17.73 22.01
CA ARG A 61 -14.83 16.45 21.51
C ARG A 61 -14.53 16.32 20.03
N TYR A 62 -14.42 15.07 19.56
CA TYR A 62 -14.13 14.83 18.16
C TYR A 62 -15.20 15.45 17.25
N ALA A 63 -16.47 15.31 17.63
CA ALA A 63 -17.56 15.75 16.77
C ALA A 63 -17.47 17.24 16.47
N GLU A 64 -17.31 18.06 17.50
CA GLU A 64 -17.30 19.50 17.28
C GLU A 64 -15.97 19.97 16.69
N VAL A 65 -14.86 19.35 17.09
CA VAL A 65 -13.56 19.67 16.48
C VAL A 65 -13.60 19.39 14.99
N HIS A 66 -14.09 18.22 14.61
CA HIS A 66 -14.15 17.85 13.19
C HIS A 66 -15.07 18.78 12.42
N ALA A 67 -16.21 19.15 13.00
CA ALA A 67 -17.15 20.03 12.31
C ALA A 67 -16.57 21.42 12.11
N VAL A 68 -15.91 21.96 13.14
CA VAL A 68 -15.30 23.29 13.01
C VAL A 68 -14.24 23.28 11.91
N LEU A 69 -13.40 22.24 11.89
CA LEU A 69 -12.32 22.16 10.91
C LEU A 69 -12.84 22.12 9.47
N ASN A 70 -14.02 21.55 9.26
CA ASN A 70 -14.56 21.37 7.92
C ASN A 70 -15.58 22.45 7.55
N ASP A 71 -15.60 23.57 8.28
CA ASP A 71 -16.41 24.73 7.94
C ASP A 71 -15.48 25.94 7.92
N PRO A 72 -14.71 26.10 6.84
CA PRO A 72 -13.68 27.15 6.82
C PRO A 72 -14.22 28.56 6.63
N THR A 73 -15.44 28.69 6.09
N THR A 73 -15.41 28.74 6.07
CA THR A 73 -16.03 30.01 5.88
CA THR A 73 -15.91 30.11 5.95
C THR A 73 -16.50 30.62 7.20
C THR A 73 -16.43 30.63 7.28
N THR A 74 -17.17 29.82 8.02
CA THR A 74 -17.67 30.27 9.31
C THR A 74 -16.55 30.34 10.33
N PHE A 75 -15.67 29.34 10.35
CA PHE A 75 -14.55 29.28 11.27
C PHE A 75 -13.28 29.52 10.45
N CYS A 76 -13.00 30.80 10.19
CA CYS A 76 -11.96 31.18 9.25
C CYS A 76 -10.58 31.08 9.88
N SER A 77 -9.57 31.09 9.02
CA SER A 77 -8.17 31.11 9.43
C SER A 77 -7.47 32.43 9.14
N SER A 78 -8.07 33.30 8.33
CA SER A 78 -7.38 34.52 7.91
C SER A 78 -7.27 35.54 9.03
N ARG A 79 -8.06 35.42 10.09
CA ARG A 79 -7.90 36.27 11.26
C ARG A 79 -6.93 35.66 12.27
N GLY A 80 -6.16 34.67 11.87
CA GLY A 80 -5.14 34.04 12.68
C GLY A 80 -5.64 32.71 13.24
N VAL A 81 -4.73 31.75 13.35
CA VAL A 81 -5.03 30.47 13.98
C VAL A 81 -4.39 30.37 15.36
N GLY A 82 -3.83 31.48 15.86
CA GLY A 82 -3.47 31.59 17.25
C GLY A 82 -4.53 32.36 18.02
N LEU A 83 -4.21 32.67 19.28
CA LEU A 83 -5.14 33.45 20.10
C LEU A 83 -5.39 34.82 19.48
N SER A 84 -4.35 35.44 18.94
CA SER A 84 -4.45 36.81 18.46
C SER A 84 -5.39 36.90 17.26
N ASP A 85 -6.28 37.89 17.29
CA ASP A 85 -7.17 38.20 16.19
C ASP A 85 -6.49 39.26 15.33
N PHE A 86 -6.13 38.89 14.10
CA PHE A 86 -5.41 39.82 13.22
C PHE A 86 -6.22 41.07 12.92
N LYS A 87 -7.54 41.01 13.07
CA LYS A 87 -8.37 42.20 12.91
C LYS A 87 -8.21 43.16 14.08
N LYS A 88 -7.69 42.68 15.21
CA LYS A 88 -7.47 43.52 16.39
C LYS A 88 -5.99 43.82 16.64
N GLU A 89 -5.10 42.89 16.31
CA GLU A 89 -3.67 43.03 16.58
C GLU A 89 -2.87 42.74 15.32
N LYS A 90 -1.68 43.32 15.24
CA LYS A 90 -0.79 43.02 14.12
C LYS A 90 -0.16 41.63 14.31
N PRO A 91 -0.12 40.82 13.26
CA PRO A 91 0.60 39.55 13.37
C PRO A 91 2.07 39.78 13.66
N TRP A 92 2.66 38.88 14.44
CA TRP A 92 4.06 39.05 14.83
C TRP A 92 5.02 38.89 13.66
N ARG A 93 4.56 38.32 12.55
CA ARG A 93 5.29 38.20 11.30
C ARG A 93 4.27 38.27 10.18
N PRO A 94 4.71 38.54 8.94
CA PRO A 94 3.76 38.56 7.84
C PRO A 94 2.98 37.26 7.78
N PRO A 95 1.66 37.32 7.56
CA PRO A 95 0.84 36.12 7.64
C PRO A 95 1.29 35.06 6.63
N SER A 96 1.18 33.80 7.04
CA SER A 96 1.39 32.71 6.12
C SER A 96 0.37 32.78 4.99
N LEU A 97 0.83 32.59 3.76
CA LEU A 97 -0.07 32.64 2.63
C LEU A 97 -0.98 31.42 2.53
N ILE A 98 -0.78 30.41 3.38
CA ILE A 98 -1.54 29.17 3.32
C ILE A 98 -2.22 28.87 4.65
N LEU A 99 -1.47 28.84 5.75
CA LEU A 99 -2.07 28.55 7.06
C LEU A 99 -3.04 29.63 7.48
N GLU A 100 -2.69 30.90 7.25
CA GLU A 100 -3.50 32.03 7.71
C GLU A 100 -4.24 32.70 6.56
N ALA A 101 -4.70 31.90 5.60
CA ALA A 101 -5.50 32.38 4.48
C ALA A 101 -6.75 31.52 4.36
N ASP A 102 -7.83 32.15 3.93
CA ASP A 102 -9.07 31.44 3.63
C ASP A 102 -9.23 31.25 2.14
N PRO A 103 -10.01 30.27 1.72
CA PRO A 103 -10.43 30.21 0.32
C PRO A 103 -11.18 31.47 -0.03
N PRO A 104 -11.02 32.00 -1.26
CA PRO A 104 -10.22 31.41 -2.34
C PRO A 104 -8.74 31.81 -2.38
N ALA A 105 -8.29 32.74 -1.54
CA ALA A 105 -6.88 33.13 -1.55
C ALA A 105 -5.98 31.98 -1.15
N HIS A 106 -6.49 31.08 -0.30
CA HIS A 106 -5.72 29.93 0.14
C HIS A 106 -5.49 28.92 -0.99
N THR A 107 -6.43 28.86 -1.94
CA THR A 107 -6.57 27.68 -2.80
C THR A 107 -5.34 27.46 -3.67
N ARG A 108 -4.91 28.46 -4.43
CA ARG A 108 -3.85 28.23 -5.40
C ARG A 108 -2.48 28.07 -4.75
N PRO A 109 -2.12 28.84 -3.71
CA PRO A 109 -0.88 28.52 -2.98
C PRO A 109 -0.92 27.11 -2.38
N ARG A 110 -2.06 26.71 -1.81
CA ARG A 110 -2.21 25.35 -1.33
C ARG A 110 -1.95 24.33 -2.44
N ALA A 111 -2.45 24.62 -3.64
CA ALA A 111 -2.24 23.71 -4.77
C ALA A 111 -0.75 23.55 -5.09
N VAL A 112 0.01 24.64 -5.00
CA VAL A 112 1.43 24.58 -5.34
C VAL A 112 2.19 23.72 -4.34
N LEU A 113 1.97 23.97 -3.04
CA LEU A 113 2.63 23.17 -2.02
C LEU A 113 2.22 21.70 -2.11
N SER A 114 0.96 21.45 -2.47
CA SER A 114 0.50 20.07 -2.65
C SER A 114 1.25 19.39 -3.77
N LYS A 115 1.43 20.08 -4.90
CA LYS A 115 2.18 19.50 -6.01
C LYS A 115 3.67 19.42 -5.71
N VAL A 116 4.20 20.35 -4.91
CA VAL A 116 5.61 20.28 -4.55
C VAL A 116 5.86 19.11 -3.62
N LEU A 117 4.92 18.83 -2.72
CA LEU A 117 5.02 17.68 -1.82
C LEU A 117 4.07 16.58 -2.27
N SER A 118 4.17 16.21 -3.54
CA SER A 118 3.24 15.32 -4.23
C SER A 118 3.64 13.87 -4.06
N PRO A 119 2.71 12.95 -4.36
CA PRO A 119 3.08 11.54 -4.47
C PRO A 119 4.29 11.28 -5.36
N ALA A 120 4.38 11.92 -6.53
CA ALA A 120 5.54 11.72 -7.39
C ALA A 120 6.82 12.23 -6.74
N THR A 121 6.72 13.26 -5.90
CA THR A 121 7.91 13.74 -5.20
C THR A 121 8.39 12.71 -4.17
N MET A 122 7.45 12.10 -3.44
CA MET A 122 7.85 11.06 -2.49
C MET A 122 8.59 9.93 -3.21
N LYS A 123 8.11 9.55 -4.41
CA LYS A 123 8.78 8.52 -5.19
C LYS A 123 10.25 8.86 -5.45
N THR A 124 10.55 10.16 -5.62
CA THR A 124 11.92 10.57 -5.93
C THR A 124 12.81 10.45 -4.69
N ILE A 125 12.27 10.76 -3.50
CA ILE A 125 13.09 10.84 -2.30
C ILE A 125 12.99 9.60 -1.42
N ARG A 126 12.09 8.66 -1.73
CA ARG A 126 11.83 7.57 -0.79
C ARG A 126 13.07 6.73 -0.54
N ASP A 127 13.84 6.42 -1.58
CA ASP A 127 15.00 5.54 -1.42
C ASP A 127 16.04 6.15 -0.49
N GLY A 128 16.36 7.43 -0.68
CA GLY A 128 17.33 8.07 0.18
C GLY A 128 16.85 8.22 1.61
N PHE A 129 15.56 8.53 1.78
CA PHE A 129 15.00 8.63 3.13
C PHE A 129 15.06 7.29 3.84
N ALA A 130 14.77 6.20 3.12
CA ALA A 130 14.82 4.87 3.73
C ALA A 130 16.25 4.45 4.01
N ALA A 131 17.16 4.72 3.08
CA ALA A 131 18.57 4.35 3.28
C ALA A 131 19.17 5.11 4.44
N ALA A 132 18.84 6.39 4.58
CA ALA A 132 19.33 7.17 5.72
C ALA A 132 18.75 6.66 7.03
N ALA A 133 17.47 6.25 7.01
CA ALA A 133 16.87 5.70 8.22
C ALA A 133 17.52 4.37 8.61
N ASP A 134 17.84 3.53 7.63
CA ASP A 134 18.52 2.26 7.92
C ASP A 134 19.91 2.51 8.47
N ALA A 135 20.67 3.42 7.85
CA ALA A 135 22.03 3.69 8.30
C ALA A 135 22.04 4.30 9.70
N LYS A 136 21.08 5.17 9.99
CA LYS A 136 21.02 5.80 11.31
C LYS A 136 20.77 4.76 12.40
N VAL A 137 19.83 3.84 12.17
CA VAL A 137 19.55 2.80 13.16
C VAL A 137 20.77 1.90 13.33
N ASP A 138 21.43 1.54 12.24
CA ASP A 138 22.65 0.75 12.34
C ASP A 138 23.72 1.47 13.14
N GLU A 139 23.78 2.81 13.01
CA GLU A 139 24.77 3.57 13.76
C GLU A 139 24.46 3.58 15.25
N LEU A 140 23.20 3.79 15.61
CA LEU A 140 22.81 3.81 17.02
C LEU A 140 22.98 2.45 17.68
N LEU A 141 22.82 1.37 16.91
CA LEU A 141 23.01 0.04 17.47
C LEU A 141 24.47 -0.22 17.83
N GLN A 142 25.40 0.37 17.09
CA GLN A 142 26.81 0.26 17.46
C GLN A 142 27.07 0.87 18.83
N ARG A 143 26.25 1.85 19.23
CA ARG A 143 26.40 2.52 20.51
C ARG A 143 25.51 1.94 21.61
N GLY A 144 24.38 1.34 21.25
CA GLY A 144 23.52 0.71 22.22
C GLY A 144 22.65 1.67 23.01
N CYS A 145 23.26 2.41 23.93
CA CYS A 145 22.54 3.37 24.75
C CYS A 145 22.61 4.74 24.07
N ILE A 146 21.43 5.32 23.82
CA ILE A 146 21.31 6.56 23.06
C ILE A 146 20.25 7.44 23.70
N ASP A 147 20.15 8.67 23.21
CA ASP A 147 19.01 9.54 23.46
C ASP A 147 18.10 9.46 22.24
N ALA A 148 16.94 8.82 22.42
CA ALA A 148 16.04 8.61 21.29
C ALA A 148 15.53 9.91 20.68
N ILE A 149 15.68 11.03 21.38
CA ILE A 149 15.28 12.32 20.83
C ILE A 149 16.43 12.87 20.00
N ALA A 150 17.51 13.30 20.67
CA ALA A 150 18.61 13.96 19.98
C ALA A 150 19.27 13.03 18.96
N ASP A 151 19.53 11.78 19.35
CA ASP A 151 20.30 10.86 18.51
C ASP A 151 19.46 10.16 17.45
N LEU A 152 18.13 10.27 17.49
CA LEU A 152 17.29 9.50 16.60
C LEU A 152 16.12 10.33 16.08
N ALA A 153 15.20 10.68 16.98
CA ALA A 153 14.01 11.42 16.59
C ALA A 153 14.38 12.77 15.98
N GLU A 154 15.43 13.43 16.51
CA GLU A 154 15.88 14.68 15.93
C GLU A 154 16.87 14.43 14.80
N ALA A 155 17.86 13.56 15.04
CA ALA A 155 18.98 13.40 14.11
C ALA A 155 18.50 12.97 12.73
N TYR A 156 17.54 12.04 12.66
CA TYR A 156 17.15 11.53 11.35
C TYR A 156 16.43 12.56 10.50
N PRO A 157 15.35 13.20 10.95
CA PRO A 157 14.71 14.23 10.10
C PRO A 157 15.66 15.35 9.73
N LEU A 158 16.60 15.70 10.61
CA LEU A 158 17.60 16.69 10.26
C LEU A 158 18.54 16.17 9.18
N SER A 159 18.71 14.86 9.10
CA SER A 159 19.61 14.27 8.12
C SER A 159 19.00 14.15 6.72
N VAL A 160 17.68 14.33 6.58
CA VAL A 160 17.04 14.12 5.28
C VAL A 160 16.21 15.32 4.85
N PHE A 161 15.56 16.01 5.79
CA PHE A 161 14.59 17.01 5.33
C PHE A 161 15.26 18.29 4.83
N PRO A 162 16.25 18.86 5.53
CA PRO A 162 16.93 20.04 4.95
C PRO A 162 17.53 19.76 3.59
N ASP A 163 18.13 18.59 3.38
CA ASP A 163 18.67 18.25 2.08
C ASP A 163 17.57 18.17 1.03
N ALA A 164 16.44 17.54 1.37
CA ALA A 164 15.32 17.47 0.43
C ALA A 164 14.73 18.84 0.15
N MET A 165 14.88 19.77 1.09
CA MET A 165 14.46 21.15 0.88
C MET A 165 15.41 21.91 -0.06
N GLY A 166 16.66 21.47 -0.16
CA GLY A 166 17.65 22.22 -0.89
C GLY A 166 18.35 23.28 -0.07
N LEU A 167 18.35 23.16 1.25
CA LEU A 167 19.00 24.14 2.10
C LEU A 167 20.51 23.93 2.11
N LYS A 168 21.23 25.04 2.25
CA LYS A 168 22.66 25.01 2.47
C LYS A 168 22.99 24.24 3.75
N GLN A 169 24.28 23.97 3.94
CA GLN A 169 24.71 23.22 5.12
C GLN A 169 24.81 24.12 6.34
N GLU A 170 25.26 25.36 6.16
CA GLU A 170 25.36 26.31 7.26
C GLU A 170 23.97 26.79 7.68
N GLY A 171 23.83 27.07 8.96
CA GLY A 171 22.63 27.68 9.49
C GLY A 171 21.53 26.73 9.92
N ARG A 172 21.70 25.43 9.73
CA ARG A 172 20.62 24.48 10.04
C ARG A 172 20.30 24.41 11.52
N GLU A 173 21.22 24.84 12.38
CA GLU A 173 20.91 24.95 13.80
C GLU A 173 19.79 25.94 14.07
N HIS A 174 19.44 26.78 13.09
CA HIS A 174 18.34 27.72 13.25
C HIS A 174 16.98 27.08 13.04
N LEU A 175 16.93 25.90 12.40
CA LEU A 175 15.65 25.37 11.93
C LEU A 175 14.72 25.01 13.07
N LEU A 176 15.18 24.15 13.98
CA LEU A 176 14.34 23.76 15.11
C LEU A 176 14.01 24.94 16.03
N PRO A 177 14.95 25.83 16.38
CA PRO A 177 14.56 27.02 17.17
C PRO A 177 13.50 27.88 16.49
N TYR A 178 13.60 28.08 15.18
CA TYR A 178 12.58 28.87 14.50
C TYR A 178 11.22 28.17 14.53
N ALA A 179 11.22 26.85 14.30
CA ALA A 179 9.98 26.09 14.33
C ALA A 179 9.28 26.22 15.69
N GLY A 180 10.05 26.14 16.78
CA GLY A 180 9.45 26.26 18.10
C GLY A 180 9.01 27.66 18.42
N LEU A 181 9.73 28.64 17.91
CA LEU A 181 9.30 30.04 18.01
C LEU A 181 7.94 30.25 17.36
N VAL A 182 7.82 29.83 16.11
CA VAL A 182 6.55 29.97 15.38
C VAL A 182 5.43 29.30 16.15
N ALA A 183 5.67 28.08 16.64
CA ALA A 183 4.65 27.33 17.36
C ALA A 183 4.25 28.04 18.65
N ASN A 184 5.23 28.57 19.39
CA ASN A 184 4.91 29.27 20.63
C ASN A 184 4.10 30.53 20.36
N ALA A 185 4.32 31.17 19.22
CA ALA A 185 3.65 32.45 18.92
C ALA A 185 2.17 32.27 18.60
N PHE A 186 1.71 31.05 18.33
CA PHE A 186 0.27 30.84 18.23
C PHE A 186 -0.41 30.92 19.59
N GLY A 187 0.35 30.83 20.66
CA GLY A 187 -0.21 30.77 21.99
C GLY A 187 -0.72 32.12 22.46
N PRO A 188 -1.24 32.11 23.69
CA PRO A 188 -1.65 33.36 24.31
C PRO A 188 -0.43 34.19 24.70
N PRO A 189 -0.61 35.46 25.05
CA PRO A 189 0.55 36.26 25.46
C PRO A 189 1.07 35.84 26.82
N ASN A 190 1.52 34.60 26.94
CA ASN A 190 2.19 34.15 28.15
C ASN A 190 3.70 34.26 27.99
N GLU A 191 4.41 33.82 29.02
CA GLU A 191 5.87 33.90 29.05
C GLU A 191 6.49 33.07 27.93
N LEU A 192 5.90 31.93 27.59
CA LEU A 192 6.42 31.12 26.50
C LEU A 192 6.36 31.89 25.18
N ARG A 193 5.27 32.61 24.94
CA ARG A 193 5.15 33.38 23.71
C ARG A 193 6.02 34.63 23.74
N GLN A 194 6.03 35.35 24.86
CA GLN A 194 6.85 36.56 24.98
C GLN A 194 8.32 36.23 24.77
N THR A 195 8.83 35.22 25.47
CA THR A 195 10.23 34.86 25.35
C THR A 195 10.57 34.35 23.96
N ALA A 196 9.66 33.61 23.33
CA ALA A 196 9.85 33.22 21.94
C ALA A 196 10.13 34.46 21.11
N ILE A 197 9.11 35.29 20.89
CA ILE A 197 9.21 36.43 20.00
C ILE A 197 10.42 37.29 20.32
N GLU A 198 10.86 37.30 21.59
CA GLU A 198 12.06 38.04 21.95
C GLU A 198 13.29 37.50 21.23
N ARG A 199 13.43 36.18 21.12
N ARG A 199 13.39 36.17 21.09
CA ARG A 199 14.62 35.62 20.51
CA ARG A 199 14.54 35.47 20.54
C ARG A 199 14.38 35.17 19.06
C ARG A 199 14.49 35.33 19.02
N SER A 200 13.44 35.82 18.37
CA SER A 200 13.21 35.53 16.96
C SER A 200 14.28 36.11 16.05
N ALA A 201 14.97 37.18 16.48
CA ALA A 201 15.79 38.01 15.60
C ALA A 201 16.79 37.22 14.76
N PRO A 202 17.68 36.41 15.36
CA PRO A 202 18.64 35.69 14.50
C PRO A 202 17.98 34.65 13.61
N HIS A 203 16.93 33.98 14.11
CA HIS A 203 16.35 32.86 13.37
C HIS A 203 15.63 33.33 12.12
N GLN A 204 14.81 34.39 12.24
CA GLN A 204 14.05 34.87 11.10
C GLN A 204 14.95 35.36 9.98
N ALA A 205 16.17 35.77 10.30
CA ALA A 205 17.10 36.27 9.29
C ALA A 205 17.70 35.13 8.47
N TYR A 206 18.03 34.02 9.12
CA TYR A 206 18.41 32.82 8.39
C TYR A 206 17.25 32.36 7.50
N VAL A 207 16.04 32.30 8.06
CA VAL A 207 14.87 31.91 7.29
C VAL A 207 14.67 32.87 6.10
N ASN A 208 14.81 34.17 6.36
CA ASN A 208 14.75 35.20 5.32
C ASN A 208 15.54 34.78 4.07
N GLU A 209 16.85 34.59 4.25
CA GLU A 209 17.74 34.33 3.13
C GLU A 209 17.49 32.97 2.50
N GLN A 210 17.00 32.00 3.27
CA GLN A 210 16.80 30.66 2.72
C GLN A 210 15.56 30.59 1.84
N CYS A 211 14.65 31.55 1.96
CA CYS A 211 13.46 31.55 1.11
C CYS A 211 13.71 32.17 -0.26
N GLN A 212 14.90 32.72 -0.50
CA GLN A 212 15.22 33.34 -1.77
C GLN A 212 15.74 32.30 -2.76
N ARG A 213 15.25 32.38 -4.00
CA ARG A 213 15.56 31.37 -5.01
C ARG A 213 17.05 31.07 -5.20
N PRO A 214 17.97 32.04 -5.27
CA PRO A 214 19.39 31.70 -5.48
C PRO A 214 19.97 30.86 -4.36
N ASN A 215 19.25 30.72 -3.23
CA ASN A 215 19.77 30.08 -2.03
C ASN A 215 19.27 28.66 -1.85
N LEU A 216 18.45 28.16 -2.77
CA LEU A 216 17.86 26.84 -2.68
C LEU A 216 18.44 25.95 -3.77
N ALA A 217 18.91 24.77 -3.37
CA ALA A 217 19.59 23.89 -4.32
C ALA A 217 18.62 23.43 -5.39
N PRO A 218 19.07 23.34 -6.65
CA PRO A 218 18.18 22.84 -7.72
C PRO A 218 17.70 21.42 -7.42
N GLY A 219 16.42 21.18 -7.69
CA GLY A 219 15.80 19.90 -7.44
C GLY A 219 15.10 19.78 -6.10
N GLY A 220 15.41 20.66 -5.15
CA GLY A 220 14.83 20.58 -3.83
C GLY A 220 13.43 21.18 -3.75
N PHE A 221 12.83 21.05 -2.56
CA PHE A 221 11.48 21.54 -2.35
C PHE A 221 11.39 23.05 -2.60
N GLY A 222 12.37 23.80 -2.12
CA GLY A 222 12.31 25.25 -2.24
C GLY A 222 12.39 25.73 -3.68
N ALA A 223 13.34 25.16 -4.45
CA ALA A 223 13.45 25.53 -5.86
C ALA A 223 12.18 25.18 -6.62
N CYS A 224 11.55 24.06 -6.29
CA CYS A 224 10.32 23.66 -6.96
CA CYS A 224 10.32 23.67 -6.97
C CYS A 224 9.18 24.64 -6.70
N ILE A 225 9.20 25.29 -5.54
CA ILE A 225 8.18 26.30 -5.25
C ILE A 225 8.37 27.50 -6.16
N HIS A 226 9.61 27.97 -6.30
CA HIS A 226 9.90 29.12 -7.15
C HIS A 226 9.62 28.80 -8.62
N ALA A 227 9.83 27.56 -9.04
CA ALA A 227 9.55 27.18 -10.42
C ALA A 227 8.05 27.20 -10.72
N PHE A 228 7.20 27.16 -9.70
CA PHE A 228 5.75 27.21 -9.88
C PHE A 228 5.23 28.63 -9.99
N THR A 229 6.12 29.63 -10.06
CA THR A 229 5.71 31.03 -10.02
C THR A 229 5.24 31.57 -11.37
N ASP A 230 5.29 30.78 -12.44
CA ASP A 230 4.86 31.24 -13.75
C ASP A 230 3.57 30.58 -14.22
N THR A 231 2.89 29.83 -13.35
CA THR A 231 1.68 29.11 -13.71
C THR A 231 0.40 29.93 -13.52
N GLY A 232 0.48 31.05 -12.82
CA GLY A 232 -0.72 31.76 -12.40
C GLY A 232 -1.25 31.34 -11.05
N GLU A 233 -0.57 30.44 -10.35
CA GLU A 233 -1.02 30.00 -9.04
C GLU A 233 -0.38 30.82 -7.92
N ILE A 234 0.92 31.10 -8.02
CA ILE A 234 1.59 32.06 -7.15
C ILE A 234 2.46 32.97 -8.00
N THR A 235 2.59 34.21 -7.57
CA THR A 235 3.50 35.14 -8.23
C THR A 235 4.91 34.91 -7.72
N PRO A 236 5.93 35.40 -8.43
CA PRO A 236 7.31 35.26 -7.92
C PRO A 236 7.51 35.87 -6.54
N ASP A 237 6.82 36.98 -6.23
CA ASP A 237 6.99 37.62 -4.93
C ASP A 237 6.26 36.89 -3.81
N GLU A 238 5.43 35.89 -4.12
CA GLU A 238 4.80 35.07 -3.10
C GLU A 238 5.61 33.82 -2.75
N ALA A 239 6.53 33.42 -3.63
CA ALA A 239 7.30 32.20 -3.39
C ALA A 239 8.12 32.22 -2.11
N PRO A 240 8.82 33.31 -1.75
CA PRO A 240 9.57 33.29 -0.48
C PRO A 240 8.72 32.97 0.73
N LEU A 241 7.51 33.53 0.80
CA LEU A 241 6.62 33.24 1.92
C LEU A 241 6.21 31.77 1.92
N LEU A 242 6.03 31.18 0.73
N LEU A 242 6.04 31.18 0.74
CA LEU A 242 5.66 29.77 0.66
CA LEU A 242 5.66 29.77 0.68
C LEU A 242 6.80 28.88 1.13
C LEU A 242 6.81 28.87 1.13
N VAL A 243 8.04 29.18 0.70
CA VAL A 243 9.20 28.45 1.21
C VAL A 243 9.28 28.60 2.73
N ARG A 244 8.92 29.78 3.24
CA ARG A 244 8.91 30.00 4.68
C ARG A 244 7.96 29.02 5.38
N SER A 245 6.80 28.74 4.78
CA SER A 245 5.88 27.76 5.35
C SER A 245 6.58 26.43 5.60
N LEU A 246 7.30 25.94 4.61
CA LEU A 246 8.01 24.68 4.74
C LEU A 246 9.23 24.77 5.64
N LEU A 247 9.60 25.98 6.09
CA LEU A 247 10.60 26.16 7.11
C LEU A 247 10.01 26.48 8.48
N SER A 248 8.71 26.77 8.54
CA SER A 248 8.04 27.11 9.79
C SER A 248 7.23 25.96 10.36
N ALA A 249 7.00 24.90 9.59
CA ALA A 249 6.12 23.82 9.99
C ALA A 249 6.77 22.49 9.67
N GLY A 250 6.44 21.48 10.47
CA GLY A 250 6.71 20.11 10.08
C GLY A 250 7.89 19.41 10.74
N LEU A 251 9.04 20.07 10.78
CA LEU A 251 10.25 19.42 11.28
C LEU A 251 10.06 18.98 12.73
N GLN A 252 9.70 19.91 13.60
CA GLN A 252 9.55 19.58 15.02
C GLN A 252 8.42 18.59 15.25
N GLU A 253 7.31 18.73 14.51
CA GLU A 253 6.21 17.78 14.64
C GLU A 253 6.65 16.37 14.29
N THR A 254 7.35 16.23 13.16
CA THR A 254 7.83 14.92 12.74
C THR A 254 8.80 14.35 13.77
N VAL A 255 9.71 15.19 14.28
CA VAL A 255 10.59 14.76 15.38
C VAL A 255 9.77 14.30 16.56
N ASN A 256 8.78 15.10 16.96
CA ASN A 256 7.95 14.75 18.11
C ASN A 256 7.16 13.47 17.86
N GLY A 257 6.66 13.30 16.62
CA GLY A 257 5.90 12.10 16.31
C GLY A 257 6.77 10.85 16.29
N ILE A 258 8.00 10.96 15.82
CA ILE A 258 8.90 9.81 15.83
C ILE A 258 9.31 9.47 17.24
N GLY A 259 9.70 10.48 18.03
CA GLY A 259 10.00 10.25 19.43
C GLY A 259 8.84 9.66 20.19
N ALA A 260 7.61 10.07 19.84
CA ALA A 260 6.43 9.49 20.44
C ALA A 260 6.32 8.00 20.13
N ALA A 261 6.59 7.63 18.87
CA ALA A 261 6.49 6.22 18.48
C ALA A 261 7.53 5.37 19.21
N VAL A 262 8.77 5.85 19.29
CA VAL A 262 9.80 5.12 20.04
C VAL A 262 9.40 4.97 21.50
N TYR A 263 8.88 6.06 22.10
CA TYR A 263 8.41 5.99 23.48
C TYR A 263 7.31 4.95 23.65
N CYS A 264 6.34 4.93 22.73
CA CYS A 264 5.24 3.98 22.83
C CYS A 264 5.72 2.55 22.62
N LEU A 265 6.62 2.33 21.66
CA LEU A 265 7.17 1.00 21.46
C LEU A 265 7.92 0.51 22.70
N ALA A 266 8.46 1.44 23.49
CA ALA A 266 9.15 1.07 24.72
C ALA A 266 8.18 0.78 25.86
N ARG A 267 7.11 1.57 25.97
CA ARG A 267 6.16 1.41 27.06
C ARG A 267 5.09 0.36 26.78
N PHE A 268 4.79 0.12 25.50
CA PHE A 268 3.85 -0.93 25.11
C PHE A 268 4.65 -2.01 24.39
N PRO A 269 5.44 -2.81 25.10
CA PRO A 269 6.40 -3.70 24.43
C PRO A 269 5.75 -4.76 23.56
N GLY A 270 4.51 -5.15 23.85
CA GLY A 270 3.82 -6.08 22.97
C GLY A 270 3.58 -5.52 21.58
N GLU A 271 3.50 -4.20 21.47
CA GLU A 271 3.30 -3.58 20.16
C GLU A 271 4.57 -3.60 19.32
N LEU A 272 5.75 -3.47 19.94
CA LEU A 272 6.99 -3.62 19.19
C LEU A 272 7.14 -5.04 18.66
N GLN A 273 6.72 -6.03 19.45
CA GLN A 273 6.80 -7.42 19.00
CA GLN A 273 6.81 -7.41 18.99
C GLN A 273 5.91 -7.65 17.79
N ARG A 274 4.73 -7.03 17.78
CA ARG A 274 3.87 -7.12 16.59
C ARG A 274 4.52 -6.41 15.41
N LEU A 275 5.17 -5.27 15.67
CA LEU A 275 5.83 -4.53 14.60
C LEU A 275 7.01 -5.31 14.04
N ARG A 276 7.82 -5.91 14.92
CA ARG A 276 8.94 -6.72 14.46
C ARG A 276 8.47 -7.87 13.58
N SER A 277 7.37 -8.53 13.95
CA SER A 277 6.90 -9.69 13.20
C SER A 277 6.22 -9.30 11.89
N ASP A 278 5.71 -8.07 11.77
CA ASP A 278 5.15 -7.56 10.52
C ASP A 278 5.61 -6.13 10.32
N PRO A 279 6.80 -5.93 9.74
CA PRO A 279 7.29 -4.56 9.51
C PRO A 279 6.41 -3.71 8.61
N THR A 280 5.50 -4.30 7.83
CA THR A 280 4.63 -3.47 7.01
C THR A 280 3.60 -2.70 7.83
N LEU A 281 3.55 -2.90 9.14
CA LEU A 281 2.73 -2.08 10.02
C LEU A 281 3.38 -0.75 10.35
N ALA A 282 4.56 -0.48 9.81
CA ALA A 282 5.33 0.71 10.20
C ALA A 282 4.55 1.99 9.92
N ARG A 283 3.83 2.05 8.79
CA ARG A 283 3.12 3.27 8.44
C ARG A 283 1.98 3.54 9.42
N ASN A 284 1.17 2.52 9.72
CA ASN A 284 0.10 2.72 10.70
C ASN A 284 0.67 2.90 12.11
N ALA A 285 1.80 2.26 12.40
CA ALA A 285 2.45 2.48 13.69
C ALA A 285 2.81 3.94 13.88
N PHE A 286 3.24 4.61 12.81
CA PHE A 286 3.52 6.05 12.91
C PHE A 286 2.25 6.87 12.94
N GLU A 287 1.25 6.51 12.12
CA GLU A 287 -0.03 7.20 12.17
C GLU A 287 -0.65 7.12 13.56
N GLU A 288 -0.61 5.94 14.18
CA GLU A 288 -1.14 5.81 15.53
C GLU A 288 -0.35 6.62 16.53
N ALA A 289 0.96 6.78 16.30
CA ALA A 289 1.75 7.65 17.17
C ALA A 289 1.32 9.11 17.02
N VAL A 290 0.97 9.51 15.80
CA VAL A 290 0.47 10.88 15.60
C VAL A 290 -0.86 11.07 16.31
N ARG A 291 -1.77 10.10 16.21
CA ARG A 291 -3.01 10.19 16.97
C ARG A 291 -2.74 10.18 18.46
N PHE A 292 -1.91 9.24 18.92
CA PHE A 292 -1.68 9.05 20.35
C PHE A 292 -1.11 10.30 20.99
N GLU A 293 -0.16 10.94 20.33
CA GLU A 293 0.52 12.09 20.91
C GLU A 293 0.02 13.43 20.38
N SER A 294 -0.47 13.45 19.13
CA SER A 294 -0.91 14.67 18.46
C SER A 294 0.13 15.77 18.64
N PRO A 295 1.24 15.71 17.91
CA PRO A 295 2.28 16.74 18.07
C PRO A 295 1.73 18.16 18.03
N VAL A 296 0.77 18.44 17.15
CA VAL A 296 0.05 19.70 17.17
C VAL A 296 -1.19 19.51 18.03
N GLN A 297 -1.17 20.11 19.23
CA GLN A 297 -2.23 19.89 20.20
C GLN A 297 -3.47 20.72 19.90
N THR A 298 -3.29 21.97 19.49
CA THR A 298 -4.38 22.94 19.43
C THR A 298 -4.20 23.85 18.22
N PHE A 299 -5.32 24.38 17.75
CA PHE A 299 -5.32 25.53 16.84
C PHE A 299 -6.62 26.29 17.05
N PHE A 300 -6.59 27.57 16.72
CA PHE A 300 -7.76 28.45 16.82
C PHE A 300 -8.40 28.65 15.45
N ARG A 301 -9.68 28.99 15.48
CA ARG A 301 -10.37 29.61 14.36
C ARG A 301 -11.07 30.86 14.88
N THR A 302 -11.53 31.70 13.96
CA THR A 302 -12.29 32.90 14.29
C THR A 302 -13.63 32.87 13.56
N THR A 303 -14.72 33.04 14.29
CA THR A 303 -16.03 33.05 13.67
C THR A 303 -16.22 34.31 12.84
N THR A 304 -16.72 34.13 11.62
CA THR A 304 -17.02 35.24 10.72
C THR A 304 -18.49 35.66 10.79
N ARG A 305 -19.30 34.98 11.60
CA ARG A 305 -20.72 35.28 11.75
C ARG A 305 -21.18 34.62 13.03
N GLU A 306 -22.42 34.91 13.41
CA GLU A 306 -23.03 34.18 14.51
C GLU A 306 -23.38 32.77 14.06
N VAL A 307 -23.06 31.79 14.89
CA VAL A 307 -23.16 30.39 14.50
C VAL A 307 -23.64 29.56 15.68
N GLU A 308 -24.45 28.55 15.40
CA GLU A 308 -24.87 27.57 16.39
C GLU A 308 -23.97 26.33 16.31
N LEU A 309 -23.43 25.93 17.45
CA LEU A 309 -22.46 24.83 17.53
C LEU A 309 -22.66 24.14 18.87
N GLY A 310 -23.16 22.90 18.84
CA GLY A 310 -23.39 22.12 20.06
C GLY A 310 -24.38 22.80 21.01
N GLY A 311 -25.46 23.30 20.44
CA GLY A 311 -26.52 23.93 21.19
C GLY A 311 -26.05 25.26 21.71
N ALA A 312 -24.85 25.68 21.32
CA ALA A 312 -24.25 26.93 21.74
C ALA A 312 -24.39 27.95 20.62
N VAL A 313 -24.60 29.21 21.00
CA VAL A 313 -24.61 30.31 20.06
C VAL A 313 -23.30 31.08 20.24
N ILE A 314 -22.48 31.06 19.21
CA ILE A 314 -21.18 31.74 19.20
C ILE A 314 -21.31 32.97 18.32
N GLY A 315 -21.04 34.14 18.89
CA GLY A 315 -21.16 35.38 18.15
C GLY A 315 -20.08 35.53 17.09
N GLU A 316 -20.18 36.65 16.37
CA GLU A 316 -19.19 36.98 15.36
C GLU A 316 -17.89 37.43 16.02
N GLY A 317 -16.78 37.15 15.34
CA GLY A 317 -15.48 37.61 15.81
C GLY A 317 -15.02 36.98 17.10
N GLU A 318 -15.38 35.72 17.33
CA GLU A 318 -14.99 34.99 18.52
C GLU A 318 -13.92 33.97 18.17
N LYS A 319 -12.93 33.83 19.04
CA LYS A 319 -11.90 32.81 18.86
C LYS A 319 -12.40 31.47 19.39
N VAL A 320 -12.19 30.41 18.61
CA VAL A 320 -12.63 29.07 18.93
C VAL A 320 -11.40 28.17 18.99
N LEU A 321 -11.14 27.59 20.16
CA LEU A 321 -9.95 26.77 20.39
C LEU A 321 -10.29 25.31 20.17
N MET A 322 -9.61 24.68 19.21
CA MET A 322 -9.81 23.27 18.90
C MET A 322 -8.72 22.45 19.59
N PHE A 323 -9.14 21.49 20.41
CA PHE A 323 -8.20 20.57 21.06
C PHE A 323 -8.08 19.33 20.19
N LEU A 324 -7.11 19.34 19.26
CA LEU A 324 -6.93 18.21 18.37
C LEU A 324 -6.52 16.96 19.13
N GLY A 325 -5.59 17.09 20.07
CA GLY A 325 -5.15 15.94 20.85
C GLY A 325 -6.29 15.33 21.66
N SER A 326 -7.18 16.17 22.18
CA SER A 326 -8.33 15.68 22.93
C SER A 326 -9.33 15.00 22.00
N ALA A 327 -9.56 15.59 20.81
CA ALA A 327 -10.42 14.95 19.82
C ALA A 327 -9.90 13.57 19.45
N ASN A 328 -8.57 13.41 19.42
CA ASN A 328 -7.94 12.14 19.10
C ASN A 328 -7.99 11.14 20.26
N ARG A 329 -8.48 11.55 21.42
CA ARG A 329 -8.62 10.67 22.57
C ARG A 329 -10.03 10.70 23.12
N ASP A 330 -10.99 11.12 22.31
CA ASP A 330 -12.39 11.19 22.70
C ASP A 330 -12.99 9.79 22.71
N PRO A 331 -13.44 9.27 23.85
CA PRO A 331 -14.07 7.94 23.85
C PRO A 331 -15.37 7.89 23.09
N ARG A 332 -15.99 9.04 22.81
CA ARG A 332 -17.15 9.07 21.91
C ARG A 332 -16.78 8.64 20.50
N ARG A 333 -15.50 8.65 20.16
CA ARG A 333 -15.04 8.36 18.81
C ARG A 333 -14.09 7.16 18.75
N TRP A 334 -13.28 6.95 19.78
CA TRP A 334 -12.25 5.92 19.77
C TRP A 334 -12.48 4.92 20.90
N SER A 335 -12.27 3.64 20.61
CA SER A 335 -12.23 2.62 21.64
C SER A 335 -10.84 2.59 22.26
N ASP A 336 -10.79 2.54 23.59
CA ASP A 336 -9.54 2.54 24.35
C ASP A 336 -8.61 3.66 23.87
N PRO A 337 -9.04 4.92 23.96
CA PRO A 337 -8.26 5.99 23.32
C PRO A 337 -6.87 6.17 23.88
N ASP A 338 -6.63 5.83 25.15
CA ASP A 338 -5.33 6.04 25.76
C ASP A 338 -4.34 4.92 25.50
N LEU A 339 -4.71 3.94 24.69
CA LEU A 339 -3.82 2.83 24.37
C LEU A 339 -3.22 3.02 22.98
N TYR A 340 -1.93 2.73 22.87
CA TYR A 340 -1.23 2.75 21.60
C TYR A 340 -1.43 1.40 20.92
N ASP A 341 -2.08 1.41 19.75
CA ASP A 341 -2.47 0.19 19.05
C ASP A 341 -2.09 0.34 17.58
N ILE A 342 -1.04 -0.37 17.15
CA ILE A 342 -0.51 -0.18 15.81
C ILE A 342 -1.40 -0.76 14.72
N THR A 343 -2.42 -1.54 15.07
CA THR A 343 -3.39 -2.00 14.09
C THR A 343 -4.74 -1.29 14.22
N ARG A 344 -4.81 -0.23 15.01
CA ARG A 344 -6.03 0.56 15.09
C ARG A 344 -6.35 1.15 13.74
N LYS A 345 -7.64 1.19 13.40
CA LYS A 345 -8.06 1.98 12.25
C LYS A 345 -7.92 3.45 12.63
N THR A 346 -6.82 4.06 12.19
CA THR A 346 -6.51 5.44 12.53
C THR A 346 -7.20 6.45 11.63
N SER A 347 -7.89 5.98 10.59
CA SER A 347 -8.50 6.88 9.62
C SER A 347 -9.49 7.82 10.30
N GLY A 348 -9.35 9.11 10.03
CA GLY A 348 -10.25 10.11 10.57
C GLY A 348 -9.71 10.87 11.76
N HIS A 349 -8.55 10.48 12.29
CA HIS A 349 -7.95 11.26 13.37
C HIS A 349 -7.57 12.64 12.84
N VAL A 350 -7.58 13.63 13.75
CA VAL A 350 -7.38 15.01 13.33
C VAL A 350 -5.99 15.51 13.72
N GLY A 351 -5.03 14.57 13.82
CA GLY A 351 -3.67 14.96 14.13
C GLY A 351 -3.01 15.77 13.05
N PHE A 352 -3.45 15.62 11.81
CA PHE A 352 -3.01 16.44 10.69
C PHE A 352 -4.03 17.50 10.33
N GLY A 353 -5.05 17.70 11.16
CA GLY A 353 -6.15 18.56 10.81
C GLY A 353 -7.20 17.81 10.00
N SER A 354 -8.08 18.58 9.38
CA SER A 354 -9.13 18.03 8.54
C SER A 354 -9.67 19.14 7.65
N GLY A 355 -10.03 18.79 6.42
CA GLY A 355 -10.56 19.77 5.50
C GLY A 355 -9.52 20.46 4.66
N VAL A 356 -9.80 21.70 4.25
CA VAL A 356 -8.98 22.36 3.23
C VAL A 356 -7.57 22.67 3.73
N HIS A 357 -7.36 22.77 5.04
CA HIS A 357 -6.04 23.06 5.60
C HIS A 357 -5.30 21.83 6.08
N MET A 358 -5.86 20.64 5.89
CA MET A 358 -5.22 19.42 6.37
C MET A 358 -3.79 19.33 5.88
N CYS A 359 -2.89 18.95 6.78
CA CYS A 359 -1.45 19.14 6.62
C CYS A 359 -0.98 18.82 5.21
N VAL A 360 -0.48 19.84 4.52
CA VAL A 360 -0.01 19.66 3.16
C VAL A 360 1.30 18.88 3.12
N GLY A 361 2.01 18.80 4.24
CA GLY A 361 3.25 18.04 4.29
C GLY A 361 3.09 16.66 4.88
N GLN A 362 1.86 16.15 4.91
CA GLN A 362 1.58 14.91 5.63
C GLN A 362 2.25 13.71 4.97
N LEU A 363 2.44 13.74 3.65
CA LEU A 363 3.12 12.63 3.00
C LEU A 363 4.61 12.60 3.33
N VAL A 364 5.22 13.78 3.50
CA VAL A 364 6.61 13.84 3.91
C VAL A 364 6.78 13.30 5.33
N ALA A 365 5.91 13.73 6.25
CA ALA A 365 5.98 13.27 7.63
C ALA A 365 5.74 11.76 7.71
N ARG A 366 4.73 11.26 7.01
CA ARG A 366 4.46 9.83 7.03
C ARG A 366 5.62 9.03 6.46
N LEU A 367 6.23 9.53 5.38
CA LEU A 367 7.36 8.83 4.79
C LEU A 367 8.53 8.76 5.76
N GLU A 368 8.89 9.89 6.37
CA GLU A 368 9.96 9.88 7.37
C GLU A 368 9.63 8.95 8.54
N GLY A 369 8.38 9.01 9.02
CA GLY A 369 8.01 8.17 10.15
C GLY A 369 7.98 6.70 9.78
N GLU A 370 7.49 6.38 8.57
CA GLU A 370 7.40 4.98 8.16
C GLU A 370 8.78 4.33 8.08
N VAL A 371 9.71 4.95 7.33
CA VAL A 371 10.98 4.30 7.10
C VAL A 371 11.85 4.23 8.36
N MET A 372 11.61 5.11 9.33
CA MET A 372 12.31 4.96 10.61
C MET A 372 11.76 3.80 11.41
N LEU A 373 10.43 3.72 11.54
CA LEU A 373 9.84 2.59 12.24
C LEU A 373 10.11 1.28 11.51
N SER A 374 10.22 1.34 10.18
CA SER A 374 10.60 0.15 9.41
C SER A 374 12.00 -0.30 9.77
N ALA A 375 12.96 0.63 9.80
CA ALA A 375 14.32 0.29 10.18
C ALA A 375 14.38 -0.25 11.60
N LEU A 376 13.57 0.29 12.49
CA LEU A 376 13.48 -0.24 13.85
C LEU A 376 12.88 -1.64 13.86
N ALA A 377 11.83 -1.85 13.07
CA ALA A 377 11.16 -3.14 13.04
C ALA A 377 12.08 -4.26 12.57
N ARG A 378 13.01 -3.95 11.67
CA ARG A 378 13.86 -4.97 11.07
C ARG A 378 15.18 -5.16 11.81
N LYS A 379 15.62 -4.18 12.60
CA LYS A 379 16.96 -4.20 13.16
C LYS A 379 17.00 -4.24 14.68
N VAL A 380 15.91 -3.95 15.38
CA VAL A 380 15.91 -3.80 16.82
C VAL A 380 15.05 -4.90 17.44
N ALA A 381 15.54 -5.49 18.51
CA ALA A 381 14.81 -6.49 19.28
C ALA A 381 14.08 -5.91 20.47
N ALA A 382 14.68 -4.96 21.17
CA ALA A 382 14.05 -4.35 22.34
C ALA A 382 14.46 -2.89 22.43
N ILE A 383 13.56 -2.09 22.99
CA ILE A 383 13.81 -0.67 23.30
C ILE A 383 13.44 -0.48 24.76
N ASP A 384 14.44 -0.25 25.60
CA ASP A 384 14.26 -0.11 27.04
C ASP A 384 14.67 1.29 27.48
N ILE A 385 13.76 2.00 28.14
CA ILE A 385 14.11 3.28 28.74
C ILE A 385 15.09 3.03 29.89
N ASP A 386 16.22 3.73 29.86
CA ASP A 386 17.25 3.56 30.88
C ASP A 386 17.76 4.91 31.36
N GLY A 387 16.85 5.87 31.52
CA GLY A 387 17.21 7.19 31.99
C GLY A 387 16.01 8.08 32.15
N PRO A 388 16.20 9.25 32.76
CA PRO A 388 15.07 10.16 33.00
C PRO A 388 14.51 10.70 31.69
N VAL A 389 13.20 10.64 31.55
CA VAL A 389 12.51 11.17 30.38
C VAL A 389 12.10 12.61 30.65
N LYS A 390 12.46 13.51 29.72
CA LYS A 390 12.18 14.93 29.86
C LYS A 390 11.26 15.40 28.74
N ARG A 391 10.31 16.27 29.10
CA ARG A 391 9.33 16.80 28.16
C ARG A 391 9.67 18.24 27.82
N ARG A 392 9.43 18.62 26.56
CA ARG A 392 9.59 20.00 26.13
C ARG A 392 8.22 20.69 26.09
N PHE A 393 8.18 21.92 26.60
CA PHE A 393 6.92 22.65 26.71
C PHE A 393 6.82 23.69 25.60
N ASN A 394 5.64 23.76 24.99
CA ASN A 394 5.39 24.64 23.85
C ASN A 394 3.91 24.94 23.80
N ASN A 395 3.56 26.18 23.43
CA ASN A 395 2.17 26.61 23.42
C ASN A 395 1.31 25.81 22.46
N THR A 396 1.91 25.15 21.48
CA THR A 396 1.14 24.48 20.43
C THR A 396 1.54 23.02 20.29
N LEU A 397 2.82 22.71 20.52
CA LEU A 397 3.38 21.40 20.25
C LEU A 397 3.59 20.62 21.53
N ARG A 398 3.30 19.32 21.47
CA ARG A 398 3.62 18.37 22.53
C ARG A 398 4.72 17.45 22.02
N GLY A 399 5.73 17.22 22.86
CA GLY A 399 6.83 16.36 22.46
C GLY A 399 7.86 16.26 23.56
N LEU A 400 8.70 15.24 23.44
CA LEU A 400 9.74 14.98 24.42
C LEU A 400 11.03 15.70 24.06
N GLU A 401 11.76 16.11 25.09
CA GLU A 401 13.07 16.72 24.92
C GLU A 401 14.20 15.69 25.00
N SER A 402 14.05 14.68 25.86
CA SER A 402 15.07 13.66 26.03
C SER A 402 14.41 12.33 26.35
N LEU A 403 14.86 11.27 25.69
CA LEU A 403 14.33 9.93 25.88
C LEU A 403 15.48 8.93 25.89
N PRO A 404 16.11 8.72 27.04
CA PRO A 404 17.25 7.78 27.10
C PRO A 404 16.75 6.35 26.99
N VAL A 405 17.24 5.64 25.98
CA VAL A 405 16.87 4.25 25.76
C VAL A 405 18.12 3.42 25.48
N LYS A 406 18.00 2.12 25.74
CA LYS A 406 19.00 1.15 25.33
C LYS A 406 18.40 0.35 24.18
N LEU A 407 19.09 0.35 23.04
CA LEU A 407 18.64 -0.40 21.87
C LEU A 407 19.32 -1.76 21.85
N THR A 408 18.52 -2.83 21.84
CA THR A 408 19.06 -4.18 21.72
C THR A 408 18.92 -4.65 20.28
N PRO A 409 19.99 -5.07 19.64
CA PRO A 409 19.91 -5.44 18.22
C PRO A 409 19.11 -6.72 18.02
N ALA A 410 18.52 -6.83 16.82
CA ALA A 410 17.76 -8.02 16.46
C ALA A 410 18.71 -9.19 16.19
N THR B 18 23.92 -28.77 -32.55
CA THR B 18 24.08 -28.77 -31.10
C THR B 18 22.74 -28.87 -30.39
N ILE B 19 21.78 -28.07 -30.83
CA ILE B 19 20.46 -28.00 -30.22
C ILE B 19 19.48 -28.77 -31.10
N PRO B 20 18.69 -29.69 -30.56
CA PRO B 20 17.70 -30.38 -31.39
C PRO B 20 16.64 -29.40 -31.87
N HIS B 21 16.31 -29.51 -33.15
CA HIS B 21 15.27 -28.70 -33.78
C HIS B 21 14.01 -29.54 -33.90
N LEU B 22 12.93 -29.07 -33.28
CA LEU B 22 11.67 -29.80 -33.27
C LEU B 22 10.60 -28.98 -34.01
N ALA B 23 9.69 -29.69 -34.67
CA ALA B 23 8.61 -29.09 -35.41
C ALA B 23 7.31 -29.02 -34.61
N ILE B 24 7.34 -29.45 -33.35
CA ILE B 24 6.14 -29.41 -32.52
C ILE B 24 5.67 -27.97 -32.39
N ASP B 25 4.37 -27.75 -32.61
CA ASP B 25 3.76 -26.47 -32.35
C ASP B 25 3.07 -26.55 -30.99
N PRO B 26 3.65 -26.00 -29.92
CA PRO B 26 2.99 -26.07 -28.60
C PRO B 26 1.76 -25.18 -28.49
N PHE B 27 1.41 -24.43 -29.53
CA PHE B 27 0.21 -23.62 -29.55
C PHE B 27 -0.82 -24.12 -30.56
N SER B 28 -0.68 -25.37 -31.01
CA SER B 28 -1.65 -25.98 -31.90
C SER B 28 -2.77 -26.62 -31.11
N LEU B 29 -3.97 -26.64 -31.70
CA LEU B 29 -5.10 -27.29 -31.05
C LEU B 29 -4.80 -28.76 -30.78
N ASP B 30 -4.10 -29.42 -31.70
CA ASP B 30 -3.63 -30.78 -31.50
C ASP B 30 -2.84 -30.90 -30.21
N PHE B 31 -1.91 -29.98 -29.99
CA PHE B 31 -1.11 -29.98 -28.76
C PHE B 31 -1.96 -29.72 -27.54
N PHE B 32 -2.84 -28.72 -27.61
CA PHE B 32 -3.72 -28.41 -26.48
C PHE B 32 -4.58 -29.60 -26.09
N ASP B 33 -5.00 -30.39 -27.09
CA ASP B 33 -5.92 -31.50 -26.82
C ASP B 33 -5.28 -32.55 -25.92
N ASP B 34 -3.99 -32.82 -26.10
CA ASP B 34 -3.26 -33.75 -25.26
C ASP B 34 -1.79 -33.39 -25.32
N PRO B 35 -1.33 -32.54 -24.41
CA PRO B 35 0.05 -32.02 -24.50
C PRO B 35 1.10 -32.93 -23.89
N TYR B 36 0.71 -33.93 -23.12
CA TYR B 36 1.66 -34.65 -22.29
C TYR B 36 2.63 -35.53 -23.09
N PRO B 37 2.20 -36.25 -24.13
CA PRO B 37 3.21 -36.96 -24.94
C PRO B 37 4.22 -36.02 -25.59
N ASP B 38 3.75 -34.94 -26.22
CA ASP B 38 4.67 -33.98 -26.82
C ASP B 38 5.54 -33.32 -25.77
N GLN B 39 5.04 -33.14 -24.55
CA GLN B 39 5.86 -32.55 -23.51
C GLN B 39 7.00 -33.47 -23.11
N GLN B 40 6.76 -34.78 -23.07
CA GLN B 40 7.87 -35.70 -22.84
C GLN B 40 8.87 -35.63 -23.99
N THR B 41 8.38 -35.58 -25.23
CA THR B 41 9.28 -35.44 -26.37
C THR B 41 10.15 -34.20 -26.24
N LEU B 42 9.55 -33.09 -25.81
CA LEU B 42 10.32 -31.86 -25.63
C LEU B 42 11.35 -31.99 -24.52
N ARG B 43 11.00 -32.68 -23.43
CA ARG B 43 11.94 -32.86 -22.33
C ARG B 43 13.07 -33.79 -22.73
N ASP B 44 12.74 -34.90 -23.39
CA ASP B 44 13.72 -35.94 -23.68
C ASP B 44 14.62 -35.59 -24.87
N ALA B 45 14.21 -34.63 -25.70
CA ALA B 45 15.07 -34.22 -26.80
C ALA B 45 16.36 -33.57 -26.30
N GLY B 46 16.30 -32.90 -25.17
CA GLY B 46 17.45 -32.24 -24.60
C GLY B 46 17.06 -31.16 -23.62
N PRO B 47 18.02 -30.65 -22.86
CA PRO B 47 17.69 -29.59 -21.89
C PRO B 47 17.22 -28.31 -22.57
N VAL B 48 17.72 -28.00 -23.77
CA VAL B 48 17.26 -26.86 -24.55
C VAL B 48 16.95 -27.36 -25.96
N VAL B 49 15.80 -26.96 -26.49
CA VAL B 49 15.40 -27.32 -27.84
C VAL B 49 15.16 -26.03 -28.63
N TYR B 50 15.07 -26.16 -29.95
CA TYR B 50 14.70 -25.06 -30.82
C TYR B 50 13.41 -25.41 -31.54
N LEU B 51 12.42 -24.53 -31.45
CA LEU B 51 11.10 -24.75 -32.04
C LEU B 51 11.06 -24.03 -33.38
N ASP B 52 11.23 -24.79 -34.46
CA ASP B 52 11.29 -24.22 -35.80
C ASP B 52 9.98 -23.56 -36.22
N LYS B 53 8.85 -23.98 -35.65
CA LYS B 53 7.58 -23.38 -36.04
C LYS B 53 7.55 -21.89 -35.74
N TRP B 54 8.20 -21.46 -34.65
CA TRP B 54 8.11 -20.09 -34.18
C TRP B 54 9.47 -19.44 -33.95
N ASN B 55 10.58 -20.15 -34.22
CA ASN B 55 11.92 -19.60 -34.05
C ASN B 55 12.16 -19.13 -32.63
N VAL B 56 11.89 -20.01 -31.67
CA VAL B 56 12.16 -19.74 -30.26
C VAL B 56 12.88 -20.94 -29.66
N TYR B 57 13.61 -20.67 -28.58
CA TYR B 57 14.18 -21.73 -27.78
C TYR B 57 13.16 -22.22 -26.78
N GLY B 58 13.24 -23.49 -26.44
CA GLY B 58 12.31 -24.09 -25.50
C GLY B 58 13.04 -24.84 -24.40
N VAL B 59 12.54 -24.70 -23.18
CA VAL B 59 12.99 -25.51 -22.06
C VAL B 59 11.76 -26.14 -21.42
N ALA B 60 11.76 -27.48 -21.34
CA ALA B 60 10.61 -28.21 -20.83
C ALA B 60 10.91 -29.02 -19.58
N ARG B 61 12.18 -29.14 -19.19
CA ARG B 61 12.53 -29.83 -17.96
C ARG B 61 12.48 -28.86 -16.78
N TYR B 62 12.29 -29.43 -15.59
CA TYR B 62 12.16 -28.60 -14.39
C TYR B 62 13.41 -27.77 -14.16
N ALA B 63 14.58 -28.39 -14.28
CA ALA B 63 15.82 -27.71 -13.90
C ALA B 63 16.03 -26.43 -14.70
N GLU B 64 15.88 -26.52 -16.02
CA GLU B 64 16.14 -25.34 -16.85
C GLU B 64 15.04 -24.31 -16.71
N VAL B 65 13.78 -24.75 -16.57
CA VAL B 65 12.68 -23.81 -16.34
C VAL B 65 12.92 -23.03 -15.06
N HIS B 66 13.26 -23.75 -13.97
CA HIS B 66 13.53 -23.09 -12.71
C HIS B 66 14.71 -22.13 -12.80
N ALA B 67 15.75 -22.52 -13.55
CA ALA B 67 16.92 -21.66 -13.67
C ALA B 67 16.62 -20.41 -14.47
N VAL B 68 15.82 -20.53 -15.53
CA VAL B 68 15.44 -19.35 -16.31
C VAL B 68 14.60 -18.40 -15.46
N LEU B 69 13.61 -18.96 -14.76
CA LEU B 69 12.74 -18.13 -13.92
C LEU B 69 13.52 -17.35 -12.89
N ASN B 70 14.62 -17.90 -12.40
CA ASN B 70 15.36 -17.31 -11.29
C ASN B 70 16.58 -16.52 -11.75
N ASP B 71 16.71 -16.23 -13.04
CA ASP B 71 17.69 -15.28 -13.56
C ASP B 71 16.95 -14.24 -14.40
N PRO B 72 16.29 -13.28 -13.74
CA PRO B 72 15.58 -12.24 -14.50
C PRO B 72 16.51 -11.25 -15.19
N THR B 73 17.75 -11.13 -14.74
CA THR B 73 18.69 -10.24 -15.42
C THR B 73 19.01 -10.76 -16.81
N THR B 74 19.26 -12.07 -16.93
CA THR B 74 19.59 -12.65 -18.22
C THR B 74 18.34 -12.93 -19.04
N PHE B 75 17.29 -13.45 -18.40
CA PHE B 75 16.06 -13.83 -19.09
C PHE B 75 14.98 -12.84 -18.64
N CYS B 76 14.89 -11.72 -19.35
CA CYS B 76 14.10 -10.59 -18.90
C CYS B 76 12.65 -10.73 -19.33
N SER B 77 11.80 -9.91 -18.71
CA SER B 77 10.37 -9.84 -19.01
C SER B 77 9.96 -8.54 -19.67
N SER B 78 10.81 -7.51 -19.67
CA SER B 78 10.42 -6.20 -20.18
C SER B 78 10.36 -6.15 -21.69
N ARG B 79 10.84 -7.18 -22.40
CA ARG B 79 10.61 -7.30 -23.82
C ARG B 79 9.43 -8.20 -24.13
N GLY B 80 8.54 -8.41 -23.15
CA GLY B 80 7.36 -9.21 -23.32
C GLY B 80 7.53 -10.63 -22.82
N VAL B 81 6.51 -11.18 -22.18
CA VAL B 81 6.52 -12.58 -21.77
C VAL B 81 5.68 -13.45 -22.71
N GLY B 82 5.23 -12.87 -23.83
CA GLY B 82 4.69 -13.64 -24.93
C GLY B 82 5.71 -13.80 -26.04
N LEU B 83 5.24 -14.36 -27.16
CA LEU B 83 6.14 -14.55 -28.29
C LEU B 83 6.68 -13.23 -28.79
N SER B 84 5.84 -12.20 -28.86
CA SER B 84 6.23 -10.93 -29.44
C SER B 84 7.35 -10.28 -28.63
N ASP B 85 8.37 -9.81 -29.32
CA ASP B 85 9.48 -9.07 -28.72
C ASP B 85 9.15 -7.60 -28.79
N PHE B 86 8.99 -6.96 -27.62
CA PHE B 86 8.58 -5.56 -27.58
C PHE B 86 9.60 -4.64 -28.22
N LYS B 87 10.86 -5.08 -28.35
CA LYS B 87 11.85 -4.31 -29.06
C LYS B 87 11.62 -4.33 -30.57
N LYS B 88 10.81 -5.28 -31.05
CA LYS B 88 10.54 -5.43 -32.48
C LYS B 88 9.12 -5.11 -32.89
N GLU B 89 8.14 -5.37 -32.03
CA GLU B 89 6.74 -5.11 -32.31
C GLU B 89 6.15 -4.27 -31.19
N LYS B 90 5.09 -3.54 -31.50
CA LYS B 90 4.44 -2.80 -30.43
C LYS B 90 3.52 -3.73 -29.64
N PRO B 91 3.47 -3.58 -28.32
CA PRO B 91 2.57 -4.42 -27.52
C PRO B 91 1.12 -4.13 -27.90
N TRP B 92 0.29 -5.18 -27.86
CA TRP B 92 -1.11 -4.98 -28.23
C TRP B 92 -1.86 -4.11 -27.24
N ARG B 93 -1.31 -3.93 -26.04
CA ARG B 93 -1.87 -3.06 -25.01
C ARG B 93 -0.70 -2.47 -24.24
N PRO B 94 -0.89 -1.35 -23.55
CA PRO B 94 0.19 -0.78 -22.73
C PRO B 94 0.75 -1.84 -21.78
N PRO B 95 2.07 -1.93 -21.68
CA PRO B 95 2.67 -3.01 -20.90
C PRO B 95 2.26 -2.98 -19.44
N SER B 96 2.09 -4.17 -18.86
CA SER B 96 1.88 -4.29 -17.43
C SER B 96 3.06 -3.70 -16.67
N LEU B 97 2.76 -2.94 -15.62
CA LEU B 97 3.82 -2.35 -14.81
C LEU B 97 4.56 -3.38 -13.97
N ILE B 98 4.10 -4.62 -13.93
CA ILE B 98 4.70 -5.65 -13.08
C ILE B 98 5.08 -6.90 -13.88
N LEU B 99 4.13 -7.47 -14.63
CA LEU B 99 4.44 -8.69 -15.38
C LEU B 99 5.48 -8.43 -16.46
N GLU B 100 5.35 -7.31 -17.17
CA GLU B 100 6.22 -6.99 -18.29
C GLU B 100 7.25 -5.92 -17.91
N ALA B 101 7.72 -5.96 -16.67
CA ALA B 101 8.76 -5.07 -16.19
C ALA B 101 9.87 -5.89 -15.54
N ASP B 102 11.08 -5.35 -15.59
CA ASP B 102 12.25 -5.93 -14.94
C ASP B 102 12.63 -5.10 -13.72
N PRO B 103 13.33 -5.69 -12.76
CA PRO B 103 13.98 -4.88 -11.72
C PRO B 103 14.95 -3.91 -12.36
N PRO B 104 15.05 -2.69 -11.84
CA PRO B 104 14.38 -2.19 -10.63
C PRO B 104 12.98 -1.62 -10.84
N ALA B 105 12.55 -1.40 -12.09
CA ALA B 105 11.24 -0.80 -12.32
C ALA B 105 10.11 -1.69 -11.81
N HIS B 106 10.34 -3.00 -11.78
CA HIS B 106 9.31 -3.94 -11.33
C HIS B 106 9.12 -3.89 -9.83
N THR B 107 10.17 -3.51 -9.08
CA THR B 107 10.23 -3.77 -7.64
C THR B 107 9.14 -3.04 -6.88
N ARG B 108 9.02 -1.72 -7.06
CA ARG B 108 8.07 -0.95 -6.26
C ARG B 108 6.62 -1.29 -6.58
N PRO B 109 6.18 -1.35 -7.84
CA PRO B 109 4.81 -1.80 -8.11
C PRO B 109 4.56 -3.21 -7.61
N ARG B 110 5.57 -4.09 -7.68
CA ARG B 110 5.43 -5.42 -7.10
C ARG B 110 5.22 -5.35 -5.60
N ALA B 111 5.92 -4.43 -4.92
CA ALA B 111 5.77 -4.30 -3.48
C ALA B 111 4.36 -3.84 -3.10
N VAL B 112 3.78 -2.95 -3.90
CA VAL B 112 2.42 -2.48 -3.63
C VAL B 112 1.44 -3.64 -3.72
N LEU B 113 1.44 -4.35 -4.86
CA LEU B 113 0.54 -5.49 -5.02
C LEU B 113 0.78 -6.54 -3.96
N SER B 114 2.04 -6.73 -3.56
CA SER B 114 2.34 -7.69 -2.50
C SER B 114 1.66 -7.31 -1.19
N LYS B 115 1.69 -6.01 -0.84
CA LYS B 115 1.03 -5.57 0.39
C LYS B 115 -0.49 -5.59 0.26
N VAL B 116 -1.00 -5.27 -0.94
CA VAL B 116 -2.44 -5.29 -1.14
C VAL B 116 -3.00 -6.71 -1.00
N LEU B 117 -2.28 -7.70 -1.54
CA LEU B 117 -2.68 -9.10 -1.45
C LEU B 117 -1.86 -9.84 -0.39
N SER B 118 -1.62 -9.19 0.73
CA SER B 118 -0.66 -9.65 1.72
C SER B 118 -1.24 -10.75 2.60
N PRO B 119 -0.37 -11.47 3.33
CA PRO B 119 -0.86 -12.36 4.38
C PRO B 119 -1.85 -11.70 5.32
N ALA B 120 -1.62 -10.44 5.69
CA ALA B 120 -2.54 -9.72 6.56
C ALA B 120 -3.90 -9.52 5.90
N THR B 121 -3.90 -9.21 4.60
CA THR B 121 -5.17 -8.98 3.90
C THR B 121 -6.01 -10.24 3.86
N MET B 122 -5.38 -11.42 3.75
CA MET B 122 -6.15 -12.66 3.67
C MET B 122 -7.02 -12.84 4.90
N LYS B 123 -6.54 -12.39 6.07
CA LYS B 123 -7.34 -12.48 7.29
C LYS B 123 -8.67 -11.74 7.14
N THR B 124 -8.68 -10.63 6.40
CA THR B 124 -9.88 -9.80 6.32
C THR B 124 -10.97 -10.44 5.45
N ILE B 125 -10.62 -11.36 4.55
CA ILE B 125 -11.59 -11.90 3.61
C ILE B 125 -11.81 -13.41 3.76
N ARG B 126 -11.06 -14.09 4.63
CA ARG B 126 -11.16 -15.55 4.69
C ARG B 126 -12.55 -16.00 5.13
N ASP B 127 -13.12 -15.37 6.17
CA ASP B 127 -14.42 -15.80 6.68
C ASP B 127 -15.49 -15.71 5.60
N GLY B 128 -15.50 -14.60 4.84
CA GLY B 128 -16.51 -14.46 3.80
C GLY B 128 -16.26 -15.38 2.61
N PHE B 129 -14.99 -15.56 2.24
CA PHE B 129 -14.67 -16.50 1.17
C PHE B 129 -15.06 -17.92 1.55
N ALA B 130 -14.81 -18.32 2.80
CA ALA B 130 -15.19 -19.64 3.26
C ALA B 130 -16.70 -19.81 3.29
N ALA B 131 -17.42 -18.81 3.78
CA ALA B 131 -18.88 -18.90 3.84
C ALA B 131 -19.49 -19.04 2.46
N ALA B 132 -18.96 -18.31 1.48
CA ALA B 132 -19.47 -18.42 0.12
C ALA B 132 -19.18 -19.79 -0.48
N ALA B 133 -18.01 -20.35 -0.17
CA ALA B 133 -17.69 -21.69 -0.65
C ALA B 133 -18.64 -22.73 -0.07
N ASP B 134 -18.86 -22.68 1.25
CA ASP B 134 -19.81 -23.59 1.88
C ASP B 134 -21.20 -23.41 1.30
N ALA B 135 -21.63 -22.15 1.13
CA ALA B 135 -22.97 -21.90 0.60
C ALA B 135 -23.11 -22.42 -0.83
N LYS B 136 -22.05 -22.29 -1.63
CA LYS B 136 -22.12 -22.76 -3.01
C LYS B 136 -22.28 -24.27 -3.07
N VAL B 137 -21.47 -25.00 -2.29
CA VAL B 137 -21.56 -26.46 -2.29
C VAL B 137 -22.92 -26.92 -1.78
N ASP B 138 -23.44 -26.23 -0.76
CA ASP B 138 -24.79 -26.53 -0.28
C ASP B 138 -25.82 -26.34 -1.40
N GLU B 139 -25.71 -25.22 -2.13
CA GLU B 139 -26.65 -24.97 -3.22
C GLU B 139 -26.54 -26.03 -4.31
N LEU B 140 -25.30 -26.41 -4.67
CA LEU B 140 -25.11 -27.38 -5.75
C LEU B 140 -25.63 -28.77 -5.35
N LEU B 141 -25.51 -29.14 -4.09
CA LEU B 141 -26.00 -30.45 -3.65
C LEU B 141 -27.52 -30.54 -3.78
N GLN B 142 -28.22 -29.41 -3.73
CA GLN B 142 -29.66 -29.43 -3.95
C GLN B 142 -29.99 -29.76 -5.41
N ARG B 143 -29.12 -29.41 -6.34
CA ARG B 143 -29.36 -29.70 -7.75
C ARG B 143 -28.86 -31.09 -8.13
N GLY B 144 -27.85 -31.61 -7.42
CA GLY B 144 -27.35 -32.94 -7.68
C GLY B 144 -26.45 -33.02 -8.90
N CYS B 145 -27.04 -32.85 -10.08
CA CYS B 145 -26.30 -32.91 -11.34
C CYS B 145 -25.99 -31.48 -11.79
N ILE B 146 -24.70 -31.14 -11.80
CA ILE B 146 -24.25 -29.78 -12.10
C ILE B 146 -23.11 -29.85 -13.11
N ASP B 147 -22.74 -28.68 -13.62
CA ASP B 147 -21.52 -28.50 -14.39
C ASP B 147 -20.46 -27.96 -13.45
N ALA B 148 -19.49 -28.81 -13.11
CA ALA B 148 -18.45 -28.42 -12.16
C ALA B 148 -17.61 -27.23 -12.64
N ILE B 149 -17.73 -26.85 -13.91
CA ILE B 149 -17.06 -25.64 -14.38
C ILE B 149 -17.99 -24.45 -14.16
N ALA B 150 -19.04 -24.35 -14.98
CA ALA B 150 -19.91 -23.18 -14.94
C ALA B 150 -20.50 -22.96 -13.56
N ASP B 151 -20.96 -24.03 -12.91
CA ASP B 151 -21.71 -23.90 -11.66
C ASP B 151 -20.85 -23.92 -10.42
N LEU B 152 -19.56 -24.27 -10.52
CA LEU B 152 -18.73 -24.44 -9.33
C LEU B 152 -17.40 -23.71 -9.49
N ALA B 153 -16.53 -24.25 -10.35
CA ALA B 153 -15.21 -23.66 -10.53
C ALA B 153 -15.28 -22.24 -11.06
N GLU B 154 -16.30 -21.93 -11.85
CA GLU B 154 -16.50 -20.57 -12.35
C GLU B 154 -17.33 -19.74 -11.38
N ALA B 155 -18.47 -20.29 -10.96
CA ALA B 155 -19.43 -19.52 -10.18
C ALA B 155 -18.83 -19.04 -8.86
N TYR B 156 -18.02 -19.89 -8.19
CA TYR B 156 -17.52 -19.49 -6.88
C TYR B 156 -16.55 -18.33 -6.96
N PRO B 157 -15.45 -18.39 -7.72
CA PRO B 157 -14.55 -17.22 -7.79
C PRO B 157 -15.23 -15.96 -8.28
N LEU B 158 -16.22 -16.08 -9.19
CA LEU B 158 -16.96 -14.90 -9.61
C LEU B 158 -17.78 -14.32 -8.46
N SER B 159 -18.14 -15.14 -7.48
CA SER B 159 -18.98 -14.69 -6.38
C SER B 159 -18.20 -14.04 -5.24
N VAL B 160 -16.88 -14.10 -5.25
CA VAL B 160 -16.06 -13.57 -4.17
C VAL B 160 -15.02 -12.56 -4.67
N PHE B 161 -14.34 -12.86 -5.77
CA PHE B 161 -13.20 -12.01 -6.15
C PHE B 161 -13.62 -10.64 -6.65
N PRO B 162 -14.57 -10.50 -7.58
CA PRO B 162 -14.96 -9.14 -8.00
C PRO B 162 -15.43 -8.28 -6.85
N ASP B 163 -16.13 -8.86 -5.88
CA ASP B 163 -16.54 -8.11 -4.70
C ASP B 163 -15.34 -7.70 -3.87
N ALA B 164 -14.38 -8.60 -3.68
CA ALA B 164 -13.17 -8.26 -2.94
C ALA B 164 -12.36 -7.20 -3.66
N MET B 165 -12.39 -7.20 -5.00
CA MET B 165 -11.75 -6.12 -5.75
C MET B 165 -12.43 -4.79 -5.49
N GLY B 166 -13.72 -4.80 -5.21
CA GLY B 166 -14.48 -3.57 -5.16
C GLY B 166 -15.14 -3.19 -6.46
N LEU B 167 -15.34 -4.12 -7.37
CA LEU B 167 -15.95 -3.83 -8.66
C LEU B 167 -17.45 -3.65 -8.50
N LYS B 168 -18.02 -2.80 -9.36
CA LYS B 168 -19.47 -2.67 -9.41
C LYS B 168 -20.08 -3.94 -10.00
N GLN B 169 -21.39 -4.09 -9.81
CA GLN B 169 -22.07 -5.29 -10.30
C GLN B 169 -22.14 -5.30 -11.82
N GLU B 170 -22.44 -4.16 -12.43
CA GLU B 170 -22.64 -4.11 -13.87
C GLU B 170 -21.35 -4.42 -14.63
N GLY B 171 -21.48 -5.16 -15.72
CA GLY B 171 -20.38 -5.38 -16.63
C GLY B 171 -19.41 -6.49 -16.25
N ARG B 172 -19.70 -7.26 -15.20
CA ARG B 172 -18.77 -8.30 -14.77
C ARG B 172 -18.61 -9.41 -15.81
N GLU B 173 -19.57 -9.53 -16.74
CA GLU B 173 -19.44 -10.51 -17.82
C GLU B 173 -18.25 -10.23 -18.73
N HIS B 174 -17.58 -9.07 -18.58
CA HIS B 174 -16.39 -8.76 -19.35
C HIS B 174 -15.12 -9.35 -18.76
N LEU B 175 -15.17 -9.87 -17.53
CA LEU B 175 -13.94 -10.19 -16.81
C LEU B 175 -13.25 -11.41 -17.38
N LEU B 176 -13.98 -12.52 -17.52
CA LEU B 176 -13.37 -13.74 -18.03
C LEU B 176 -12.99 -13.58 -19.52
N PRO B 177 -13.84 -12.98 -20.36
CA PRO B 177 -13.39 -12.72 -21.74
C PRO B 177 -12.15 -11.87 -21.83
N TYR B 178 -12.00 -10.84 -20.98
CA TYR B 178 -10.76 -10.07 -20.98
C TYR B 178 -9.59 -10.92 -20.55
N ALA B 179 -9.79 -11.77 -19.54
CA ALA B 179 -8.72 -12.63 -19.06
C ALA B 179 -8.25 -13.59 -20.14
N GLY B 180 -9.18 -14.19 -20.88
CA GLY B 180 -8.80 -15.08 -21.95
C GLY B 180 -8.15 -14.37 -23.12
N LEU B 181 -8.56 -13.13 -23.37
CA LEU B 181 -7.90 -12.32 -24.40
C LEU B 181 -6.45 -12.04 -24.03
N VAL B 182 -6.22 -11.59 -22.80
CA VAL B 182 -4.86 -11.33 -22.32
C VAL B 182 -4.01 -12.59 -22.44
N ALA B 183 -4.55 -13.73 -22.00
CA ALA B 183 -3.79 -14.98 -22.06
C ALA B 183 -3.55 -15.42 -23.51
N ASN B 184 -4.55 -15.28 -24.38
CA ASN B 184 -4.35 -15.63 -25.78
C ASN B 184 -3.32 -14.73 -26.44
N ALA B 185 -3.24 -13.46 -26.02
CA ALA B 185 -2.34 -12.52 -26.67
C ALA B 185 -0.87 -12.76 -26.34
N PHE B 186 -0.56 -13.55 -25.31
CA PHE B 186 0.81 -13.97 -25.11
C PHE B 186 1.27 -14.94 -26.20
N GLY B 187 0.34 -15.54 -26.94
CA GLY B 187 0.68 -16.59 -27.86
C GLY B 187 1.24 -16.05 -29.17
N PRO B 188 1.56 -16.98 -30.07
CA PRO B 188 2.02 -16.59 -31.40
C PRO B 188 0.89 -16.00 -32.21
N PRO B 189 1.17 -15.42 -33.36
CA PRO B 189 0.08 -14.85 -34.19
C PRO B 189 -0.71 -15.92 -34.94
N ASN B 190 -1.31 -16.85 -34.19
CA ASN B 190 -2.18 -17.85 -34.78
C ASN B 190 -3.63 -17.33 -34.76
N GLU B 191 -4.56 -18.18 -35.20
CA GLU B 191 -5.96 -17.76 -35.27
C GLU B 191 -6.51 -17.43 -33.88
N LEU B 192 -6.11 -18.21 -32.86
CA LEU B 192 -6.55 -17.93 -31.50
C LEU B 192 -6.18 -16.52 -31.07
N ARG B 193 -4.95 -16.09 -31.37
CA ARG B 193 -4.53 -14.75 -30.97
C ARG B 193 -5.19 -13.67 -31.81
N GLN B 194 -5.27 -13.88 -33.13
CA GLN B 194 -5.89 -12.87 -34.00
C GLN B 194 -7.35 -12.67 -33.65
N THR B 195 -8.08 -13.77 -33.44
CA THR B 195 -9.49 -13.69 -33.12
C THR B 195 -9.71 -12.96 -31.79
N ALA B 196 -8.92 -13.29 -30.78
CA ALA B 196 -9.05 -12.64 -29.49
C ALA B 196 -8.88 -11.12 -29.62
N ILE B 197 -7.84 -10.69 -30.31
CA ILE B 197 -7.56 -9.26 -30.41
C ILE B 197 -8.64 -8.56 -31.25
N GLU B 198 -9.21 -9.23 -32.23
CA GLU B 198 -10.30 -8.65 -33.01
C GLU B 198 -11.50 -8.33 -32.14
N ARG B 199 -11.75 -9.13 -31.11
CA ARG B 199 -12.92 -8.97 -30.25
C ARG B 199 -12.65 -8.15 -29.00
N SER B 200 -11.48 -7.49 -28.92
CA SER B 200 -10.99 -7.00 -27.64
C SER B 200 -11.58 -5.66 -27.22
N ALA B 201 -12.01 -4.82 -28.17
CA ALA B 201 -12.35 -3.44 -27.83
C ALA B 201 -13.40 -3.32 -26.73
N PRO B 202 -14.51 -4.06 -26.73
CA PRO B 202 -15.45 -3.91 -25.62
C PRO B 202 -14.89 -4.31 -24.26
N HIS B 203 -14.09 -5.38 -24.21
CA HIS B 203 -13.60 -5.86 -22.93
C HIS B 203 -12.53 -4.92 -22.35
N GLN B 204 -11.65 -4.41 -23.22
CA GLN B 204 -10.64 -3.46 -22.77
C GLN B 204 -11.28 -2.18 -22.25
N ALA B 205 -12.34 -1.71 -22.92
CA ALA B 205 -12.98 -0.45 -22.51
C ALA B 205 -13.58 -0.57 -21.12
N TYR B 206 -14.22 -1.70 -20.81
CA TYR B 206 -14.76 -1.90 -19.47
C TYR B 206 -13.64 -1.96 -18.43
N VAL B 207 -12.58 -2.72 -18.71
CA VAL B 207 -11.53 -2.94 -17.73
C VAL B 207 -10.81 -1.64 -17.40
N ASN B 208 -10.44 -0.89 -18.43
CA ASN B 208 -9.71 0.36 -18.18
C ASN B 208 -10.55 1.34 -17.39
N GLU B 209 -11.88 1.34 -17.60
CA GLU B 209 -12.74 2.24 -16.83
C GLU B 209 -12.82 1.81 -15.36
N GLN B 210 -12.94 0.50 -15.10
CA GLN B 210 -13.01 0.06 -13.70
C GLN B 210 -11.71 0.27 -12.96
N CYS B 211 -10.62 0.62 -13.64
CA CYS B 211 -9.34 0.84 -12.98
C CYS B 211 -9.23 2.22 -12.34
N GLN B 212 -10.18 3.12 -12.63
CA GLN B 212 -10.11 4.47 -12.09
C GLN B 212 -10.63 4.49 -10.65
N ARG B 213 -9.93 5.25 -9.80
CA ARG B 213 -10.23 5.29 -8.37
C ARG B 213 -11.70 5.47 -8.03
N PRO B 214 -12.48 6.35 -8.67
CA PRO B 214 -13.89 6.51 -8.26
C PRO B 214 -14.74 5.27 -8.45
N ASN B 215 -14.34 4.36 -9.33
CA ASN B 215 -15.16 3.21 -9.67
C ASN B 215 -14.88 1.99 -8.81
N LEU B 216 -13.99 2.10 -7.83
CA LEU B 216 -13.61 0.99 -6.98
C LEU B 216 -14.11 1.23 -5.56
N ALA B 217 -14.86 0.26 -5.03
CA ALA B 217 -15.52 0.45 -3.74
C ALA B 217 -14.50 0.53 -2.61
N PRO B 218 -14.74 1.32 -1.59
CA PRO B 218 -13.77 1.46 -0.49
C PRO B 218 -13.51 0.13 0.19
N GLY B 219 -12.27 -0.03 0.65
CA GLY B 219 -11.86 -1.24 1.34
C GLY B 219 -11.47 -2.39 0.44
N GLY B 220 -11.78 -2.34 -0.85
CA GLY B 220 -11.45 -3.43 -1.75
C GLY B 220 -10.01 -3.34 -2.26
N PHE B 221 -9.64 -4.36 -3.04
CA PHE B 221 -8.28 -4.43 -3.57
C PHE B 221 -7.96 -3.22 -4.43
N GLY B 222 -8.90 -2.82 -5.29
CA GLY B 222 -8.63 -1.69 -6.18
C GLY B 222 -8.40 -0.40 -5.43
N ALA B 223 -9.32 -0.06 -4.52
CA ALA B 223 -9.17 1.16 -3.73
C ALA B 223 -7.88 1.13 -2.91
N CYS B 224 -7.49 -0.05 -2.43
CA CYS B 224 -6.26 -0.16 -1.65
CA CYS B 224 -6.26 -0.15 -1.64
C CYS B 224 -5.04 0.13 -2.51
N ILE B 225 -5.06 -0.32 -3.77
CA ILE B 225 -3.97 0.03 -4.70
C ILE B 225 -3.86 1.55 -4.82
N HIS B 226 -4.99 2.21 -5.05
CA HIS B 226 -4.98 3.67 -5.19
C HIS B 226 -4.52 4.35 -3.91
N ALA B 227 -4.83 3.76 -2.75
CA ALA B 227 -4.40 4.36 -1.48
C ALA B 227 -2.90 4.34 -1.31
N PHE B 228 -2.20 3.39 -1.94
CA PHE B 228 -0.75 3.30 -1.84
C PHE B 228 -0.02 4.35 -2.66
N THR B 229 -0.74 5.23 -3.36
CA THR B 229 -0.11 6.16 -4.27
C THR B 229 0.61 7.30 -3.55
N ASP B 230 0.44 7.45 -2.24
CA ASP B 230 1.05 8.57 -1.53
C ASP B 230 2.22 8.16 -0.63
N THR B 231 2.72 6.93 -0.78
CA THR B 231 3.81 6.45 0.06
C THR B 231 5.19 6.63 -0.58
N GLY B 232 5.26 7.01 -1.84
CA GLY B 232 6.53 7.05 -2.54
C GLY B 232 6.87 5.77 -3.28
N GLU B 233 5.97 4.81 -3.32
CA GLU B 233 6.22 3.57 -4.04
C GLU B 233 5.65 3.61 -5.46
N ILE B 234 4.42 4.10 -5.61
CA ILE B 234 3.82 4.34 -6.92
C ILE B 234 3.17 5.71 -6.91
N THR B 235 2.97 6.26 -8.10
CA THR B 235 2.29 7.54 -8.26
C THR B 235 0.85 7.31 -8.70
N PRO B 236 -0.03 8.29 -8.49
CA PRO B 236 -1.45 8.09 -8.87
C PRO B 236 -1.65 7.67 -10.31
N ASP B 237 -0.79 8.09 -11.23
CA ASP B 237 -0.95 7.71 -12.62
C ASP B 237 -0.52 6.27 -12.90
N GLU B 238 0.17 5.62 -11.96
CA GLU B 238 0.49 4.21 -12.09
C GLU B 238 -0.62 3.30 -11.58
N ALA B 239 -1.46 3.79 -10.67
CA ALA B 239 -2.46 2.93 -10.04
C ALA B 239 -3.46 2.32 -11.02
N PRO B 240 -4.01 3.04 -12.01
CA PRO B 240 -4.93 2.37 -12.95
C PRO B 240 -4.35 1.13 -13.59
N LEU B 241 -3.10 1.17 -14.06
CA LEU B 241 -2.52 -0.01 -14.67
C LEU B 241 -2.23 -1.10 -13.65
N LEU B 242 -1.92 -0.72 -12.41
CA LEU B 242 -1.74 -1.74 -11.37
C LEU B 242 -3.05 -2.44 -11.06
N VAL B 243 -4.17 -1.71 -11.04
CA VAL B 243 -5.47 -2.36 -10.90
C VAL B 243 -5.74 -3.24 -12.11
N ARG B 244 -5.35 -2.79 -13.29
CA ARG B 244 -5.57 -3.59 -14.51
C ARG B 244 -4.94 -4.96 -14.39
N SER B 245 -3.78 -5.05 -13.71
CA SER B 245 -3.14 -6.34 -13.51
C SER B 245 -4.05 -7.32 -12.76
N LEU B 246 -4.73 -6.84 -11.72
CA LEU B 246 -5.64 -7.70 -10.97
C LEU B 246 -6.93 -7.99 -11.71
N LEU B 247 -7.19 -7.32 -12.83
CA LEU B 247 -8.29 -7.66 -13.72
C LEU B 247 -7.82 -8.42 -14.96
N SER B 248 -6.51 -8.57 -15.14
CA SER B 248 -5.96 -9.29 -16.28
C SER B 248 -5.50 -10.70 -15.92
N ALA B 249 -5.25 -10.97 -14.66
CA ALA B 249 -4.61 -12.21 -14.23
C ALA B 249 -5.36 -12.83 -13.07
N GLY B 250 -5.34 -14.15 -13.02
CA GLY B 250 -5.72 -14.85 -11.81
C GLY B 250 -7.09 -15.48 -11.77
N LEU B 251 -8.09 -14.80 -12.31
CA LEU B 251 -9.46 -15.30 -12.21
C LEU B 251 -9.62 -16.61 -12.98
N GLN B 252 -9.30 -16.60 -14.27
CA GLN B 252 -9.45 -17.82 -15.07
C GLN B 252 -8.51 -18.93 -14.59
N GLU B 253 -7.31 -18.57 -14.12
CA GLU B 253 -6.39 -19.59 -13.61
C GLU B 253 -6.95 -20.24 -12.34
N THR B 254 -7.50 -19.44 -11.44
CA THR B 254 -8.12 -19.98 -10.23
C THR B 254 -9.29 -20.88 -10.60
N VAL B 255 -10.14 -20.41 -11.52
CA VAL B 255 -11.24 -21.23 -12.03
C VAL B 255 -10.71 -22.55 -12.56
N ASN B 256 -9.69 -22.48 -13.42
CA ASN B 256 -9.12 -23.69 -14.01
C ASN B 256 -8.53 -24.62 -12.95
N GLY B 257 -7.89 -24.04 -11.93
CA GLY B 257 -7.31 -24.86 -10.89
C GLY B 257 -8.36 -25.56 -10.04
N ILE B 258 -9.44 -24.86 -9.70
CA ILE B 258 -10.53 -25.50 -8.97
C ILE B 258 -11.19 -26.57 -9.83
N GLY B 259 -11.39 -26.28 -11.12
CA GLY B 259 -11.97 -27.28 -12.01
C GLY B 259 -11.10 -28.52 -12.14
N ALA B 260 -9.78 -28.31 -12.23
CA ALA B 260 -8.87 -29.44 -12.28
C ALA B 260 -8.93 -30.26 -11.00
N ALA B 261 -9.02 -29.58 -9.85
CA ALA B 261 -9.13 -30.29 -8.57
C ALA B 261 -10.37 -31.17 -8.53
N VAL B 262 -11.51 -30.64 -8.98
CA VAL B 262 -12.74 -31.42 -9.00
C VAL B 262 -12.61 -32.61 -9.95
N TYR B 263 -12.05 -32.37 -11.14
CA TYR B 263 -11.82 -33.45 -12.08
C TYR B 263 -10.95 -34.55 -11.47
N CYS B 264 -9.87 -34.16 -10.79
CA CYS B 264 -8.98 -35.15 -10.19
C CYS B 264 -9.69 -35.91 -9.07
N LEU B 265 -10.50 -35.21 -8.27
CA LEU B 265 -11.21 -35.87 -7.19
C LEU B 265 -12.23 -36.87 -7.72
N ALA B 266 -12.70 -36.67 -8.95
CA ALA B 266 -13.61 -37.64 -9.57
C ALA B 266 -12.84 -38.76 -10.26
N ARG B 267 -11.68 -38.46 -10.85
CA ARG B 267 -10.92 -39.48 -11.56
C ARG B 267 -10.08 -40.34 -10.60
N PHE B 268 -9.63 -39.76 -9.49
CA PHE B 268 -8.88 -40.46 -8.46
C PHE B 268 -9.73 -40.54 -7.20
N PRO B 269 -10.75 -41.41 -7.16
CA PRO B 269 -11.68 -41.38 -6.00
C PRO B 269 -11.01 -41.67 -4.67
N GLY B 270 -9.93 -42.45 -4.66
CA GLY B 270 -9.20 -42.67 -3.42
C GLY B 270 -8.68 -41.39 -2.82
N GLU B 271 -8.37 -40.39 -3.65
CA GLU B 271 -7.90 -39.10 -3.14
C GLU B 271 -9.03 -38.29 -2.53
N LEU B 272 -10.24 -38.37 -3.08
CA LEU B 272 -11.38 -37.72 -2.45
C LEU B 272 -11.66 -38.35 -1.09
N GLN B 273 -11.48 -39.66 -0.97
CA GLN B 273 -11.74 -40.35 0.29
CA GLN B 273 -11.75 -40.33 0.30
C GLN B 273 -10.73 -39.93 1.36
N ARG B 274 -9.48 -39.70 0.96
CA ARG B 274 -8.50 -39.19 1.91
C ARG B 274 -8.83 -37.76 2.33
N LEU B 275 -9.25 -36.93 1.37
CA LEU B 275 -9.58 -35.54 1.68
C LEU B 275 -10.79 -35.45 2.60
N ARG B 276 -11.80 -36.29 2.37
CA ARG B 276 -12.95 -36.33 3.27
C ARG B 276 -12.54 -36.71 4.68
N SER B 277 -11.62 -37.66 4.81
CA SER B 277 -11.21 -38.12 6.14
C SER B 277 -10.35 -37.10 6.87
N ASP B 278 -9.75 -36.15 6.14
CA ASP B 278 -8.95 -35.09 6.77
C ASP B 278 -9.09 -33.84 5.93
N PRO B 279 -10.13 -33.04 6.18
CA PRO B 279 -10.32 -31.81 5.39
C PRO B 279 -9.18 -30.82 5.48
N THR B 280 -8.30 -30.92 6.48
CA THR B 280 -7.16 -30.02 6.55
C THR B 280 -6.15 -30.28 5.43
N LEU B 281 -6.35 -31.33 4.63
CA LEU B 281 -5.55 -31.52 3.43
C LEU B 281 -6.03 -30.65 2.27
N ALA B 282 -7.06 -29.83 2.48
CA ALA B 282 -7.66 -29.06 1.39
C ALA B 282 -6.65 -28.13 0.74
N ARG B 283 -5.82 -27.44 1.55
CA ARG B 283 -4.88 -26.48 0.97
C ARG B 283 -3.88 -27.18 0.06
N ASN B 284 -3.30 -28.29 0.51
CA ASN B 284 -2.35 -29.01 -0.34
C ASN B 284 -3.04 -29.71 -1.48
N ALA B 285 -4.31 -30.09 -1.31
CA ALA B 285 -5.04 -30.71 -2.42
C ALA B 285 -5.24 -29.73 -3.56
N PHE B 286 -5.43 -28.45 -3.24
CA PHE B 286 -5.51 -27.45 -4.30
C PHE B 286 -4.14 -27.17 -4.90
N GLU B 287 -3.12 -27.05 -4.06
CA GLU B 287 -1.76 -26.83 -4.55
C GLU B 287 -1.34 -27.96 -5.49
N GLU B 288 -1.65 -29.20 -5.13
CA GLU B 288 -1.34 -30.32 -6.01
C GLU B 288 -2.13 -30.22 -7.32
N ALA B 289 -3.36 -29.72 -7.26
CA ALA B 289 -4.12 -29.50 -8.49
C ALA B 289 -3.46 -28.45 -9.36
N VAL B 290 -2.86 -27.42 -8.74
CA VAL B 290 -2.15 -26.42 -9.52
C VAL B 290 -0.93 -27.02 -10.20
N ARG B 291 -0.18 -27.86 -9.49
CA ARG B 291 0.93 -28.57 -10.13
C ARG B 291 0.42 -29.50 -11.23
N PHE B 292 -0.58 -30.31 -10.92
CA PHE B 292 -1.08 -31.32 -11.85
C PHE B 292 -1.60 -30.69 -13.13
N GLU B 293 -2.36 -29.60 -13.01
CA GLU B 293 -2.98 -28.98 -14.19
C GLU B 293 -2.11 -27.87 -14.78
N SER B 294 -1.42 -27.12 -13.93
CA SER B 294 -0.64 -25.95 -14.32
C SER B 294 -1.49 -25.06 -15.22
N PRO B 295 -2.48 -24.36 -14.65
CA PRO B 295 -3.37 -23.53 -15.47
C PRO B 295 -2.63 -22.57 -16.39
N VAL B 296 -1.54 -22.00 -15.93
CA VAL B 296 -0.63 -21.25 -16.81
C VAL B 296 0.38 -22.26 -17.34
N GLN B 297 0.25 -22.59 -18.63
CA GLN B 297 1.08 -23.64 -19.22
C GLN B 297 2.47 -23.14 -19.58
N THR B 298 2.56 -21.92 -20.12
CA THR B 298 3.78 -21.43 -20.72
C THR B 298 3.95 -19.94 -20.42
N PHE B 299 5.20 -19.50 -20.47
CA PHE B 299 5.54 -18.08 -20.51
C PHE B 299 6.89 -17.95 -21.18
N PHE B 300 7.13 -16.81 -21.82
CA PHE B 300 8.40 -16.51 -22.48
C PHE B 300 9.27 -15.60 -21.63
N ARG B 301 10.57 -15.65 -21.92
CA ARG B 301 11.53 -14.65 -21.50
C ARG B 301 12.36 -14.28 -22.73
N THR B 302 13.07 -13.16 -22.66
CA THR B 302 13.98 -12.73 -23.71
C THR B 302 15.38 -12.60 -23.14
N THR B 303 16.36 -13.17 -23.83
CA THR B 303 17.74 -13.08 -23.36
C THR B 303 18.27 -11.66 -23.56
N THR B 304 18.93 -11.14 -22.54
CA THR B 304 19.55 -9.81 -22.59
C THR B 304 21.03 -9.89 -22.95
N ARG B 305 21.57 -11.11 -23.07
CA ARG B 305 22.96 -11.32 -23.47
C ARG B 305 23.05 -12.73 -24.03
N GLU B 306 24.20 -13.05 -24.61
CA GLU B 306 24.52 -14.44 -24.86
C GLU B 306 24.62 -15.17 -23.54
N VAL B 307 24.14 -16.41 -23.51
CA VAL B 307 24.05 -17.16 -22.26
C VAL B 307 24.22 -18.65 -22.54
N GLU B 308 24.86 -19.34 -21.60
CA GLU B 308 24.92 -20.80 -21.63
C GLU B 308 23.79 -21.35 -20.77
N LEU B 309 22.98 -22.22 -21.36
CA LEU B 309 21.87 -22.86 -20.65
C LEU B 309 21.80 -24.31 -21.10
N GLY B 310 22.10 -25.23 -20.20
CA GLY B 310 22.09 -26.65 -20.51
C GLY B 310 22.89 -27.02 -21.74
N GLY B 311 24.18 -26.64 -21.76
CA GLY B 311 25.03 -26.90 -22.90
C GLY B 311 24.70 -26.12 -24.16
N ALA B 312 23.61 -25.38 -24.17
CA ALA B 312 23.25 -24.53 -25.30
C ALA B 312 23.87 -23.15 -25.13
N VAL B 313 24.25 -22.55 -26.25
CA VAL B 313 24.68 -21.16 -26.29
C VAL B 313 23.56 -20.39 -26.98
N ILE B 314 22.76 -19.67 -26.21
CA ILE B 314 21.67 -18.87 -26.75
C ILE B 314 22.16 -17.44 -26.93
N GLY B 315 21.93 -16.87 -28.11
CA GLY B 315 22.34 -15.51 -28.38
C GLY B 315 21.43 -14.49 -27.71
N GLU B 316 21.87 -13.23 -27.77
CA GLU B 316 21.09 -12.14 -27.21
C GLU B 316 19.82 -11.91 -28.00
N GLY B 317 18.78 -11.43 -27.31
CA GLY B 317 17.55 -11.06 -27.98
C GLY B 317 16.77 -12.23 -28.53
N GLU B 318 16.90 -13.41 -27.92
CA GLU B 318 16.18 -14.60 -28.34
C GLU B 318 15.05 -14.88 -27.36
N LYS B 319 13.90 -15.28 -27.89
CA LYS B 319 12.79 -15.68 -27.05
C LYS B 319 13.00 -17.10 -26.52
N VAL B 320 12.75 -17.29 -25.22
CA VAL B 320 12.89 -18.58 -24.57
C VAL B 320 11.54 -18.97 -23.99
N LEU B 321 11.00 -20.09 -24.45
CA LEU B 321 9.67 -20.55 -24.04
C LEU B 321 9.81 -21.55 -22.90
N MET B 322 9.24 -21.21 -21.74
CA MET B 322 9.27 -22.06 -20.56
C MET B 322 7.97 -22.88 -20.50
N PHE B 323 8.10 -24.20 -20.42
CA PHE B 323 6.94 -25.07 -20.28
C PHE B 323 6.75 -25.35 -18.80
N LEU B 324 5.96 -24.50 -18.14
CA LEU B 324 5.71 -24.68 -16.70
C LEU B 324 4.99 -25.98 -16.41
N GLY B 325 3.98 -26.32 -17.22
CA GLY B 325 3.27 -27.57 -17.01
C GLY B 325 4.18 -28.78 -17.17
N SER B 326 5.06 -28.75 -18.16
CA SER B 326 6.00 -29.85 -18.36
C SER B 326 6.96 -29.95 -17.18
N ALA B 327 7.46 -28.80 -16.70
CA ALA B 327 8.36 -28.81 -15.55
C ALA B 327 7.69 -29.45 -14.33
N ASN B 328 6.39 -29.22 -14.17
CA ASN B 328 5.63 -29.78 -13.06
C ASN B 328 5.30 -31.25 -13.25
N ARG B 329 5.67 -31.84 -14.39
CA ARG B 329 5.45 -33.25 -14.65
C ARG B 329 6.75 -33.95 -15.06
N ASP B 330 7.88 -33.31 -14.80
CA ASP B 330 9.21 -33.82 -15.15
C ASP B 330 9.59 -34.92 -14.17
N PRO B 331 9.71 -36.18 -14.64
CA PRO B 331 10.11 -37.26 -13.72
C PRO B 331 11.51 -37.10 -13.17
N ARG B 332 12.34 -36.24 -13.77
CA ARG B 332 13.63 -35.91 -13.16
C ARG B 332 13.47 -35.20 -11.83
N ARG B 333 12.27 -34.66 -11.56
CA ARG B 333 12.00 -33.89 -10.34
C ARG B 333 10.88 -34.47 -9.50
N TRP B 334 9.86 -35.07 -10.12
CA TRP B 334 8.68 -35.55 -9.39
C TRP B 334 8.56 -37.05 -9.47
N SER B 335 8.22 -37.67 -8.34
CA SER B 335 7.88 -39.09 -8.32
C SER B 335 6.44 -39.26 -8.79
N ASP B 336 6.23 -40.16 -9.75
CA ASP B 336 4.93 -40.42 -10.33
C ASP B 336 4.24 -39.11 -10.73
N PRO B 337 4.85 -38.34 -11.63
CA PRO B 337 4.37 -36.96 -11.87
C PRO B 337 2.96 -36.90 -12.41
N ASP B 338 2.49 -37.95 -13.09
N ASP B 338 2.50 -37.96 -13.08
CA ASP B 338 1.16 -37.93 -13.68
CA ASP B 338 1.17 -38.02 -13.70
C ASP B 338 0.07 -38.35 -12.72
C ASP B 338 0.07 -38.35 -12.72
N LEU B 339 0.40 -38.54 -11.45
CA LEU B 339 -0.59 -38.91 -10.43
C LEU B 339 -0.96 -37.70 -9.59
N TYR B 340 -2.25 -37.62 -9.25
CA TYR B 340 -2.76 -36.60 -8.34
C TYR B 340 -2.67 -37.15 -6.92
N ASP B 341 -1.82 -36.52 -6.10
CA ASP B 341 -1.51 -37.01 -4.77
C ASP B 341 -1.61 -35.83 -3.80
N ILE B 342 -2.67 -35.80 -2.99
CA ILE B 342 -2.94 -34.62 -2.17
C ILE B 342 -2.00 -34.50 -0.98
N THR B 343 -1.19 -35.52 -0.67
CA THR B 343 -0.16 -35.38 0.35
C THR B 343 1.23 -35.25 -0.26
N ARG B 344 1.32 -35.06 -1.57
CA ARG B 344 2.61 -34.82 -2.21
C ARG B 344 3.25 -33.56 -1.65
N LYS B 345 4.57 -33.62 -1.45
CA LYS B 345 5.34 -32.43 -1.11
C LYS B 345 5.43 -31.57 -2.35
N THR B 346 4.60 -30.53 -2.41
CA THR B 346 4.46 -29.72 -3.62
C THR B 346 5.40 -28.53 -3.69
N SER B 347 6.13 -28.24 -2.61
N SER B 347 6.14 -28.25 -2.61
N SER B 347 6.15 -28.25 -2.62
CA SER B 347 7.00 -27.06 -2.59
CA SER B 347 7.00 -27.08 -2.60
CA SER B 347 7.02 -27.08 -2.59
C SER B 347 8.03 -27.15 -3.71
C SER B 347 8.04 -27.15 -3.70
C SER B 347 8.06 -27.15 -3.70
N GLY B 348 8.15 -26.07 -4.48
CA GLY B 348 9.06 -26.01 -5.60
C GLY B 348 8.41 -26.17 -6.95
N HIS B 349 7.12 -26.52 -7.00
CA HIS B 349 6.42 -26.54 -8.27
C HIS B 349 6.35 -25.14 -8.84
N VAL B 350 6.32 -25.04 -10.17
CA VAL B 350 6.39 -23.73 -10.82
C VAL B 350 5.07 -23.34 -11.45
N GLY B 351 3.97 -23.88 -10.92
CA GLY B 351 2.65 -23.48 -11.40
C GLY B 351 2.33 -22.03 -11.14
N PHE B 352 2.93 -21.45 -10.09
CA PHE B 352 2.85 -20.02 -9.82
C PHE B 352 4.10 -19.26 -10.27
N GLY B 353 4.95 -19.89 -11.08
CA GLY B 353 6.22 -19.29 -11.39
C GLY B 353 7.23 -19.50 -10.28
N SER B 354 8.27 -18.67 -10.29
CA SER B 354 9.36 -18.77 -9.35
C SER B 354 10.20 -17.52 -9.43
N GLY B 355 10.67 -17.04 -8.28
CA GLY B 355 11.53 -15.88 -8.25
C GLY B 355 10.78 -14.57 -8.07
N VAL B 356 11.31 -13.48 -8.65
CA VAL B 356 10.81 -12.16 -8.36
C VAL B 356 9.40 -11.94 -8.91
N HIS B 357 9.00 -12.67 -9.95
CA HIS B 357 7.68 -12.52 -10.54
C HIS B 357 6.69 -13.56 -10.05
N MET B 358 7.09 -14.46 -9.14
CA MET B 358 6.21 -15.52 -8.67
C MET B 358 4.87 -14.93 -8.24
N CYS B 359 3.79 -15.58 -8.68
CA CYS B 359 2.44 -15.01 -8.68
C CYS B 359 2.15 -14.20 -7.42
N VAL B 360 1.95 -12.89 -7.60
CA VAL B 360 1.68 -12.02 -6.47
C VAL B 360 0.28 -12.28 -5.90
N GLY B 361 -0.61 -12.88 -6.68
CA GLY B 361 -1.93 -13.22 -6.20
C GLY B 361 -2.08 -14.62 -5.65
N GLN B 362 -0.97 -15.32 -5.38
CA GLN B 362 -1.05 -16.73 -5.02
C GLN B 362 -1.79 -16.96 -3.71
N LEU B 363 -1.72 -16.01 -2.77
CA LEU B 363 -2.43 -16.18 -1.51
C LEU B 363 -3.94 -16.13 -1.73
N VAL B 364 -4.40 -15.28 -2.65
CA VAL B 364 -5.81 -15.22 -2.97
C VAL B 364 -6.27 -16.51 -3.64
N ALA B 365 -5.52 -16.97 -4.64
CA ALA B 365 -5.88 -18.20 -5.35
C ALA B 365 -5.93 -19.39 -4.39
N ARG B 366 -4.89 -19.53 -3.56
CA ARG B 366 -4.85 -20.65 -2.63
C ARG B 366 -5.99 -20.59 -1.62
N LEU B 367 -6.35 -19.38 -1.19
CA LEU B 367 -7.46 -19.25 -0.26
C LEU B 367 -8.78 -19.67 -0.90
N GLU B 368 -9.03 -19.21 -2.12
CA GLU B 368 -10.23 -19.62 -2.83
C GLU B 368 -10.25 -21.13 -3.06
N GLY B 369 -9.14 -21.67 -3.55
CA GLY B 369 -9.06 -23.10 -3.77
C GLY B 369 -9.22 -23.90 -2.49
N GLU B 370 -8.55 -23.46 -1.41
CA GLU B 370 -8.59 -24.21 -0.16
C GLU B 370 -10.00 -24.27 0.40
N VAL B 371 -10.68 -23.12 0.52
CA VAL B 371 -11.98 -23.13 1.17
C VAL B 371 -13.02 -23.84 0.32
N MET B 372 -12.85 -23.85 -1.01
CA MET B 372 -13.76 -24.63 -1.84
C MET B 372 -13.55 -26.12 -1.64
N LEU B 373 -12.28 -26.58 -1.69
CA LEU B 373 -12.00 -27.99 -1.46
C LEU B 373 -12.35 -28.40 -0.03
N SER B 374 -12.21 -27.47 0.92
CA SER B 374 -12.65 -27.76 2.29
C SER B 374 -14.15 -28.02 2.34
N ALA B 375 -14.93 -27.17 1.66
CA ALA B 375 -16.37 -27.35 1.61
C ALA B 375 -16.73 -28.69 0.98
N LEU B 376 -16.09 -29.02 -0.14
CA LEU B 376 -16.33 -30.32 -0.77
C LEU B 376 -15.96 -31.46 0.17
N ALA B 377 -14.84 -31.33 0.88
CA ALA B 377 -14.39 -32.39 1.78
C ALA B 377 -15.41 -32.66 2.87
N ARG B 378 -16.03 -31.62 3.40
CA ARG B 378 -16.94 -31.78 4.52
C ARG B 378 -18.36 -32.15 4.09
N LYS B 379 -18.75 -31.83 2.84
CA LYS B 379 -20.14 -31.93 2.44
C LYS B 379 -20.44 -32.96 1.34
N VAL B 380 -19.43 -33.46 0.64
CA VAL B 380 -19.64 -34.28 -0.55
C VAL B 380 -19.05 -35.67 -0.32
N ALA B 381 -19.82 -36.70 -0.63
CA ALA B 381 -19.36 -38.08 -0.49
C ALA B 381 -18.79 -38.64 -1.78
N ALA B 382 -19.36 -38.26 -2.92
CA ALA B 382 -18.87 -38.76 -4.20
C ALA B 382 -19.04 -37.71 -5.27
N ILE B 383 -18.09 -37.67 -6.21
CA ILE B 383 -18.16 -36.85 -7.41
C ILE B 383 -17.98 -37.78 -8.60
N ASP B 384 -19.02 -37.90 -9.41
CA ASP B 384 -19.02 -38.80 -10.55
C ASP B 384 -19.26 -38.01 -11.82
N ILE B 385 -18.36 -38.17 -12.81
CA ILE B 385 -18.56 -37.55 -14.11
C ILE B 385 -19.72 -38.23 -14.81
N ASP B 386 -20.70 -37.45 -15.27
CA ASP B 386 -21.91 -38.02 -15.84
C ASP B 386 -22.26 -37.38 -17.18
N GLY B 387 -21.26 -36.86 -17.89
CA GLY B 387 -21.47 -36.27 -19.19
C GLY B 387 -20.16 -36.04 -19.93
N PRO B 388 -20.26 -35.54 -21.17
CA PRO B 388 -19.05 -35.30 -21.96
C PRO B 388 -18.19 -34.20 -21.35
N VAL B 389 -16.91 -34.48 -21.20
CA VAL B 389 -15.94 -33.52 -20.70
C VAL B 389 -15.37 -32.74 -21.87
N LYS B 390 -15.41 -31.41 -21.78
CA LYS B 390 -14.98 -30.54 -22.86
C LYS B 390 -13.91 -29.58 -22.39
N ARG B 391 -12.91 -29.39 -23.25
CA ARG B 391 -11.74 -28.57 -22.95
C ARG B 391 -11.84 -27.22 -23.64
N ARG B 392 -11.35 -26.18 -22.96
CA ARG B 392 -11.21 -24.86 -23.56
C ARG B 392 -9.78 -24.67 -24.02
N PHE B 393 -9.62 -24.18 -25.25
CA PHE B 393 -8.29 -23.97 -25.83
C PHE B 393 -7.89 -22.51 -25.71
N ASN B 394 -6.64 -22.29 -25.29
CA ASN B 394 -6.08 -20.97 -25.07
C ASN B 394 -4.58 -21.08 -25.26
N ASN B 395 -3.98 -20.05 -25.88
CA ASN B 395 -2.55 -20.09 -26.17
C ASN B 395 -1.71 -20.22 -24.92
N THR B 396 -2.23 -19.82 -23.76
CA THR B 396 -1.46 -19.82 -22.53
C THR B 396 -2.08 -20.65 -21.41
N LEU B 397 -3.40 -20.70 -21.31
CA LEU B 397 -4.07 -21.36 -20.20
C LEU B 397 -4.54 -22.75 -20.59
N ARG B 398 -4.41 -23.70 -19.66
CA ARG B 398 -5.02 -25.00 -19.75
C ARG B 398 -6.20 -25.03 -18.79
N GLY B 399 -7.34 -25.49 -19.26
CA GLY B 399 -8.51 -25.55 -18.42
C GLY B 399 -9.66 -26.25 -19.12
N LEU B 400 -10.58 -26.76 -18.31
CA LEU B 400 -11.77 -27.41 -18.82
C LEU B 400 -12.85 -26.36 -19.10
N GLU B 401 -13.61 -26.58 -20.16
CA GLU B 401 -14.75 -25.74 -20.49
C GLU B 401 -16.02 -26.23 -19.79
N SER B 402 -16.20 -27.54 -19.71
CA SER B 402 -17.41 -28.13 -19.15
C SER B 402 -17.06 -29.46 -18.50
N LEU B 403 -17.62 -29.70 -17.32
CA LEU B 403 -17.37 -30.90 -16.55
C LEU B 403 -18.66 -31.33 -15.85
N PRO B 404 -19.50 -32.07 -16.55
CA PRO B 404 -20.77 -32.53 -15.95
C PRO B 404 -20.50 -33.56 -14.88
N VAL B 405 -21.00 -33.30 -13.66
CA VAL B 405 -20.79 -34.19 -12.53
C VAL B 405 -22.07 -34.36 -11.75
N LYS B 406 -22.22 -35.52 -11.13
CA LYS B 406 -23.22 -35.75 -10.10
C LYS B 406 -22.52 -35.69 -8.75
N LEU B 407 -23.01 -34.82 -7.86
CA LEU B 407 -22.52 -34.73 -6.49
C LEU B 407 -23.44 -35.51 -5.58
N THR B 408 -22.85 -36.42 -4.77
CA THR B 408 -23.61 -37.16 -3.77
C THR B 408 -23.34 -36.59 -2.38
N PRO B 409 -24.36 -36.25 -1.62
CA PRO B 409 -24.13 -35.62 -0.31
C PRO B 409 -23.52 -36.58 0.68
N ALA B 410 -22.72 -36.04 1.59
CA ALA B 410 -22.08 -36.82 2.63
C ALA B 410 -23.12 -37.33 3.63
C01 4MI C . 2.79 24.06 13.40
S02 4MI C . 1.63 23.94 12.01
C03 4MI C . 2.05 25.24 10.82
C04 4MI C . 2.93 26.25 11.18
C05 4MI C . 3.27 27.24 10.28
C06 4MI C . 2.72 27.21 9.00
C07 4MI C . 1.84 26.19 8.63
C08 4MI C . 1.51 25.20 9.55
C09 4MI C . 3.08 28.30 7.99
O10 4MI C . 4.04 29.09 8.24
O11 4MI C . 2.43 28.39 6.92
CHA HEM D . -0.84 22.14 8.32
CHB HEM D . 0.21 19.00 11.89
CHC HEM D . 4.11 17.64 9.37
CHD HEM D . 3.73 21.69 6.75
C1A HEM D . -0.97 21.35 9.44
C2A HEM D . -2.13 21.23 10.29
C3A HEM D . -1.84 20.36 11.27
C4A HEM D . -0.48 19.90 11.09
CMA HEM D . -2.79 19.94 12.41
CAA HEM D . -3.48 21.95 10.10
CBA HEM D . -3.39 23.42 10.51
CGA HEM D . -4.77 24.02 10.49
O1A HEM D . -4.91 25.22 10.84
O2A HEM D . -5.72 23.30 10.13
C1B HEM D . 1.33 18.28 11.50
C2B HEM D . 1.89 17.09 12.12
C3B HEM D . 2.98 16.73 11.42
C4B HEM D . 3.12 17.67 10.33
CMB HEM D . 1.30 16.41 13.39
CAB HEM D . 3.97 15.55 11.60
CBB HEM D . 3.83 14.55 12.47
C1C HEM D . 4.35 18.60 8.43
C2C HEM D . 5.42 18.60 7.46
C3C HEM D . 5.33 19.73 6.74
C4C HEM D . 4.18 20.47 7.23
CMC HEM D . 6.46 17.46 7.36
CAC HEM D . 6.20 20.24 5.56
CBC HEM D . 7.07 19.47 4.88
C1D HEM D . 2.44 22.16 6.91
C2D HEM D . 1.84 23.29 6.25
C3D HEM D . 0.58 23.42 6.67
C4D HEM D . 0.33 22.36 7.63
CMD HEM D . 2.55 24.20 5.21
CAD HEM D . -0.46 24.47 6.23
CBD HEM D . -1.47 23.75 5.35
CGD HEM D . -2.66 24.64 5.05
O1D HEM D . -3.39 24.35 4.08
O2D HEM D . -2.85 25.65 5.77
NA HEM D . 0.02 20.52 9.96
NB HEM D . 2.10 18.60 10.41
NC HEM D . 3.61 19.76 8.27
ND HEM D . 1.49 21.62 7.76
FE HEM D . 1.74 20.02 9.00
C01 4MI E . -1.99 -15.03 -16.97
S02 4MI E . -0.64 -14.48 -15.89
C03 4MI E . -0.67 -12.67 -15.88
C04 4MI E . -1.43 -11.99 -16.82
C05 4MI E . -1.47 -10.61 -16.82
C06 4MI E . -0.74 -9.91 -15.86
C07 4MI E . 0.01 -10.60 -14.92
C08 4MI E . 0.05 -11.97 -14.92
C09 4MI E . -0.78 -8.39 -15.82
O10 4MI E . 0.00 -7.80 -15.02
O11 4MI E . -1.55 -7.74 -16.57
CHA HEM F . 2.10 -13.87 -11.95
CHB HEM F . -0.01 -18.22 -12.40
CHC HEM F . -3.58 -16.65 -9.51
CHD HEM F . -2.15 -12.10 -10.39
C1A HEM F . 1.92 -15.21 -12.23
C2A HEM F . 2.89 -16.14 -12.78
C3A HEM F . 2.30 -17.33 -12.91
C4A HEM F . 0.93 -17.21 -12.44
CMA HEM F . 2.96 -18.62 -13.46
CAA HEM F . 4.37 -15.84 -13.17
CBA HEM F . 4.45 -14.91 -14.38
CGA HEM F . 5.89 -14.81 -14.85
O1A HEM F . 6.12 -14.22 -15.94
O2A HEM F . 6.79 -15.33 -14.15
C1B HEM F . -1.15 -18.22 -11.60
C2B HEM F . -1.97 -19.35 -11.26
C3B HEM F . -2.96 -18.91 -10.47
C4B HEM F . -2.78 -17.49 -10.28
CMB HEM F . -1.72 -20.80 -11.77
CAB HEM F . -4.13 -19.69 -9.80
CBB HEM F . -4.14 -21.00 -9.58
C1C HEM F . -3.51 -15.28 -9.49
C2C HEM F . -4.44 -14.39 -8.81
C3C HEM F . -4.05 -13.12 -9.06
C4C HEM F . -2.87 -13.18 -9.90
CMC HEM F . -5.63 -14.90 -7.97
CAC HEM F . -4.66 -11.78 -8.56
CBC HEM F . -5.58 -11.67 -7.60
C1D HEM F . -0.86 -12.16 -10.86
C2D HEM F . 0.01 -11.04 -11.20
C3D HEM F . 1.18 -11.53 -11.63
C4D HEM F . 1.10 -12.99 -11.58
CMD HEM F . -0.36 -9.55 -11.08
CAD HEM F . 2.40 -10.73 -12.08
CBD HEM F . 3.41 -10.79 -10.93
CGD HEM F . 4.77 -10.28 -11.34
O1D HEM F . 5.59 -10.00 -10.43
O2D HEM F . 5.04 -10.12 -12.56
NA HEM F . 0.74 -15.91 -12.03
NB HEM F . -1.66 -17.10 -10.98
NC HEM F . -2.58 -14.51 -10.15
ND HEM F . -0.14 -13.33 -11.12
FE HEM F . -0.87 -15.23 -10.94
#